data_7BEU
#
_entry.id   7BEU
#
_cell.length_a   49.118
_cell.length_b   211.188
_cell.length_c   49.435
_cell.angle_alpha   90.000
_cell.angle_beta   116.232
_cell.angle_gamma   90.000
#
_symmetry.space_group_name_H-M   'P 1 21 1'
#
loop_
_entity.id
_entity.type
_entity.pdbx_description
1 polymer 'Glutathione S-transferase Mu 1'
2 non-polymer 'SODIUM ION'
3 water water
#
_entity_poly.entity_id   1
_entity_poly.type   'polypeptide(L)'
_entity_poly.pdbx_seq_one_letter_code
;MPMILGYWDIRGLAHAIRLLLEYTDSSYEEKKYTMGDAPDYDRSQWLNEKFKLGLDFPNLPYLIDGAHKITQSNAILCYI
ARKHNLCGETEEEKIRVDILENQTMDNHMQLGMICYNPEFEKLKPKYLEELPEKLKLYSEFLGKRPWFAGNKITFVDFLV
YDVLDLHRIFEPKCLDAFPNLKDFISRFEGLEKISAYMKSSRFLPRPVFSKMAVWGNK
;
_entity_poly.pdbx_strand_id   A,B,C,D
#
# COMPACT_ATOMS: atom_id res chain seq x y z
N MET A 1 0.09 5.49 -33.12
CA MET A 1 1.17 6.46 -32.98
C MET A 1 1.22 7.01 -31.55
N PRO A 2 2.31 6.70 -30.84
CA PRO A 2 2.40 7.09 -29.43
C PRO A 2 2.43 8.61 -29.24
N MET A 3 1.95 9.04 -28.08
CA MET A 3 2.11 10.43 -27.71
C MET A 3 3.57 10.71 -27.38
N ILE A 4 3.94 11.98 -27.45
CA ILE A 4 5.28 12.42 -27.12
C ILE A 4 5.20 13.31 -25.89
N LEU A 5 5.86 12.88 -24.82
CA LEU A 5 6.06 13.72 -23.63
C LEU A 5 7.46 14.32 -23.68
N GLY A 6 7.56 15.64 -23.78
CA GLY A 6 8.84 16.32 -23.82
C GLY A 6 9.16 16.98 -22.50
N TYR A 7 10.37 16.73 -21.99
CA TYR A 7 10.78 17.34 -20.73
C TYR A 7 12.28 17.23 -20.58
N TRP A 8 12.80 17.92 -19.57
CA TRP A 8 14.17 17.68 -19.16
C TRP A 8 14.32 16.24 -18.68
N ASP A 9 15.56 15.74 -18.68
CA ASP A 9 15.86 14.37 -18.25
C ASP A 9 15.95 14.29 -16.72
N ILE A 10 14.86 14.71 -16.08
CA ILE A 10 14.72 14.73 -14.63
C ILE A 10 13.31 14.30 -14.26
N ARG A 11 13.09 14.14 -12.96
CA ARG A 11 11.78 13.87 -12.39
C ARG A 11 10.89 15.10 -12.59
N GLY A 12 11.10 16.12 -11.76
CA GLY A 12 10.50 17.42 -11.97
C GLY A 12 8.99 17.39 -12.13
N LEU A 13 8.50 18.28 -12.99
CA LEU A 13 7.07 18.45 -13.22
C LEU A 13 6.48 17.35 -14.09
N ALA A 14 7.28 16.38 -14.52
CA ALA A 14 6.79 15.31 -15.38
C ALA A 14 6.44 14.04 -14.63
N HIS A 15 6.76 13.97 -13.33
CA HIS A 15 6.58 12.73 -12.58
C HIS A 15 5.13 12.29 -12.55
N ALA A 16 4.22 13.18 -12.16
CA ALA A 16 2.81 12.81 -12.11
C ALA A 16 2.29 12.44 -13.49
N ILE A 17 2.79 13.10 -14.54
CA ILE A 17 2.32 12.78 -15.89
C ILE A 17 2.80 11.40 -16.32
N ARG A 18 4.09 11.11 -16.11
CA ARG A 18 4.60 9.77 -16.38
C ARG A 18 3.80 8.72 -15.62
N LEU A 19 3.53 8.96 -14.34
CA LEU A 19 2.78 7.97 -13.57
C LEU A 19 1.37 7.77 -14.12
N LEU A 20 0.73 8.86 -14.57
CA LEU A 20 -0.63 8.75 -15.08
C LEU A 20 -0.66 8.06 -16.44
N LEU A 21 0.32 8.37 -17.30
CA LEU A 21 0.43 7.65 -18.57
C LEU A 21 0.63 6.16 -18.34
N GLU A 22 1.43 5.80 -17.33
CA GLU A 22 1.66 4.39 -17.04
C GLU A 22 0.42 3.72 -16.45
N TYR A 23 -0.26 4.38 -15.50
CA TYR A 23 -1.47 3.82 -14.93
C TYR A 23 -2.54 3.57 -16.00
N THR A 24 -2.64 4.49 -16.97
CA THR A 24 -3.68 4.39 -17.99
C THR A 24 -3.28 3.51 -19.16
N ASP A 25 -2.10 2.88 -19.12
CA ASP A 25 -1.61 2.04 -20.22
C ASP A 25 -1.53 2.83 -21.52
N SER A 26 -1.15 4.08 -21.41
CA SER A 26 -1.02 4.97 -22.56
C SER A 26 0.18 4.58 -23.41
N SER A 27 0.04 4.75 -24.72
CA SER A 27 1.17 4.53 -25.63
C SER A 27 1.90 5.86 -25.74
N TYR A 28 3.13 5.92 -25.22
CA TYR A 28 3.90 7.16 -25.28
C TYR A 28 5.39 6.88 -25.42
N GLU A 29 6.09 7.89 -25.92
CA GLU A 29 7.54 7.97 -25.93
C GLU A 29 7.95 9.31 -25.34
N GLU A 30 9.18 9.37 -24.83
CA GLU A 30 9.66 10.57 -24.19
C GLU A 30 10.73 11.22 -25.04
N LYS A 31 10.59 12.53 -25.26
CA LYS A 31 11.62 13.35 -25.87
C LYS A 31 12.37 14.02 -24.72
N LYS A 32 13.63 13.62 -24.54
CA LYS A 32 14.43 14.06 -23.41
C LYS A 32 15.38 15.16 -23.85
N TYR A 33 15.32 16.29 -23.14
CA TYR A 33 16.23 17.41 -23.36
C TYR A 33 17.23 17.44 -22.21
N THR A 34 18.50 17.69 -22.52
CA THR A 34 19.53 17.73 -21.49
C THR A 34 20.02 19.16 -21.33
N MET A 35 20.28 19.54 -20.09
CA MET A 35 20.63 20.90 -19.72
C MET A 35 22.10 20.95 -19.32
N GLY A 36 22.80 21.99 -19.78
CA GLY A 36 24.20 22.15 -19.44
C GLY A 36 24.41 22.45 -17.97
N ASP A 37 25.66 22.38 -17.55
CA ASP A 37 25.92 22.59 -16.15
C ASP A 37 26.12 24.08 -15.85
N ALA A 38 26.30 24.39 -14.57
CA ALA A 38 26.53 25.77 -14.15
C ALA A 38 27.80 26.33 -14.81
N PRO A 39 27.90 27.67 -14.95
CA PRO A 39 26.92 28.70 -14.58
C PRO A 39 25.93 29.04 -15.69
N ASP A 40 26.20 28.53 -16.89
CA ASP A 40 25.38 28.90 -18.05
C ASP A 40 24.16 28.00 -18.21
N TYR A 41 24.22 26.75 -17.75
CA TYR A 41 23.09 25.82 -17.79
C TYR A 41 22.47 25.76 -19.20
N ASP A 42 23.31 25.38 -20.16
CA ASP A 42 22.92 25.48 -21.57
C ASP A 42 21.66 24.70 -21.87
N ARG A 43 20.64 25.38 -22.41
CA ARG A 43 19.38 24.74 -22.80
C ARG A 43 19.14 24.83 -24.31
N SER A 44 20.22 25.01 -25.09
CA SER A 44 20.08 25.21 -26.52
C SER A 44 19.39 24.04 -27.21
N GLN A 45 19.51 22.83 -26.66
CA GLN A 45 18.78 21.70 -27.22
C GLN A 45 17.29 21.98 -27.24
N TRP A 46 16.77 22.57 -26.16
CA TRP A 46 15.36 22.95 -26.12
C TRP A 46 15.12 24.22 -26.93
N LEU A 47 15.98 25.22 -26.78
CA LEU A 47 15.76 26.51 -27.43
C LEU A 47 15.75 26.38 -28.96
N ASN A 48 16.53 25.46 -29.52
CA ASN A 48 16.55 25.30 -30.97
C ASN A 48 15.27 24.67 -31.53
N GLU A 49 14.44 24.06 -30.68
CA GLU A 49 13.18 23.45 -31.07
C GLU A 49 11.97 24.13 -30.46
N LYS A 50 12.17 25.00 -29.47
CA LYS A 50 11.11 25.47 -28.59
C LYS A 50 9.94 26.07 -29.36
N PHE A 51 10.23 26.83 -30.43
CA PHE A 51 9.18 27.52 -31.17
C PHE A 51 8.79 26.81 -32.46
N LYS A 52 9.23 25.56 -32.64
CA LYS A 52 8.96 24.83 -33.87
C LYS A 52 8.13 23.58 -33.65
N LEU A 53 7.41 23.50 -32.53
CA LEU A 53 6.66 22.30 -32.19
C LEU A 53 5.15 22.48 -32.21
N GLY A 54 4.64 23.65 -32.60
CA GLY A 54 3.20 23.87 -32.56
C GLY A 54 2.62 24.23 -31.21
N LEU A 55 3.44 24.53 -30.22
CA LEU A 55 2.92 24.85 -28.89
C LEU A 55 2.46 26.30 -28.83
N ASP A 56 1.37 26.54 -28.13
CA ASP A 56 0.83 27.90 -28.07
C ASP A 56 1.67 28.79 -27.16
N PHE A 57 1.99 28.30 -25.97
CA PHE A 57 2.87 28.97 -25.02
C PHE A 57 4.02 28.02 -24.72
N PRO A 58 5.04 27.99 -25.58
CA PRO A 58 6.08 26.96 -25.51
C PRO A 58 6.72 26.87 -24.13
N ASN A 59 6.86 25.63 -23.64
CA ASN A 59 7.21 25.38 -22.25
C ASN A 59 7.49 23.89 -22.12
N LEU A 60 8.19 23.54 -21.05
CA LEU A 60 8.36 22.17 -20.68
C LEU A 60 7.68 21.92 -19.34
N PRO A 61 6.99 20.80 -19.18
CA PRO A 61 6.79 19.72 -20.14
C PRO A 61 5.78 20.06 -21.22
N TYR A 62 5.84 19.31 -22.31
CA TYR A 62 4.78 19.36 -23.32
C TYR A 62 4.34 17.94 -23.66
N LEU A 63 3.12 17.86 -24.19
CA LEU A 63 2.57 16.60 -24.68
C LEU A 63 2.06 16.83 -26.10
N ILE A 64 2.55 16.02 -27.05
CA ILE A 64 2.06 16.02 -28.42
C ILE A 64 1.26 14.74 -28.62
N ASP A 65 -0.01 14.88 -29.01
CA ASP A 65 -0.88 13.73 -29.28
C ASP A 65 -1.61 14.05 -30.58
N GLY A 66 -0.98 13.73 -31.70
CA GLY A 66 -1.56 14.10 -32.99
C GLY A 66 -1.70 15.60 -33.12
N ALA A 67 -2.93 16.06 -33.38
CA ALA A 67 -3.17 17.48 -33.57
C ALA A 67 -3.16 18.26 -32.26
N HIS A 68 -3.23 17.58 -31.12
CA HIS A 68 -3.27 18.24 -29.82
C HIS A 68 -1.85 18.44 -29.30
N LYS A 69 -1.47 19.69 -29.09
CA LYS A 69 -0.14 20.03 -28.61
C LYS A 69 -0.33 20.88 -27.36
N ILE A 70 0.11 20.36 -26.21
CA ILE A 70 -0.32 20.87 -24.91
C ILE A 70 0.89 21.22 -24.06
N THR A 71 0.88 22.40 -23.46
CA THR A 71 1.78 22.72 -22.37
C THR A 71 0.98 22.92 -21.10
N GLN A 72 1.71 23.19 -20.01
CA GLN A 72 1.23 23.31 -18.64
C GLN A 72 0.96 21.91 -18.09
N SER A 73 1.70 21.52 -17.07
CA SER A 73 1.59 20.15 -16.61
C SER A 73 0.17 19.80 -16.16
N ASN A 74 -0.55 20.74 -15.56
CA ASN A 74 -1.93 20.42 -15.16
C ASN A 74 -2.85 20.24 -16.37
N ALA A 75 -2.59 20.97 -17.46
CA ALA A 75 -3.39 20.80 -18.66
C ALA A 75 -3.09 19.46 -19.31
N ILE A 76 -1.82 19.05 -19.28
CA ILE A 76 -1.46 17.73 -19.79
C ILE A 76 -2.16 16.65 -18.99
N LEU A 77 -2.14 16.76 -17.65
CA LEU A 77 -2.79 15.75 -16.82
C LEU A 77 -4.28 15.67 -17.12
N CYS A 78 -4.94 16.84 -17.23
CA CYS A 78 -6.37 16.85 -17.51
C CYS A 78 -6.68 16.22 -18.85
N TYR A 79 -5.82 16.45 -19.86
CA TYR A 79 -6.07 15.88 -21.18
C TYR A 79 -6.04 14.36 -21.15
N ILE A 80 -5.00 13.79 -20.50
CA ILE A 80 -4.91 12.35 -20.38
C ILE A 80 -6.06 11.83 -19.52
N ALA A 81 -6.38 12.52 -18.44
CA ALA A 81 -7.39 12.05 -17.50
C ALA A 81 -8.78 11.96 -18.15
N ARG A 82 -9.12 12.93 -19.01
CA ARG A 82 -10.43 12.90 -19.67
C ARG A 82 -10.59 11.65 -20.55
N LYS A 83 -9.50 11.17 -21.15
CA LYS A 83 -9.59 9.96 -21.98
C LYS A 83 -10.02 8.75 -21.17
N HIS A 84 -9.85 8.78 -19.85
CA HIS A 84 -10.07 7.60 -19.02
C HIS A 84 -11.01 7.89 -17.86
N ASN A 85 -11.81 8.95 -17.98
CA ASN A 85 -12.79 9.34 -16.97
C ASN A 85 -12.17 9.46 -15.58
N LEU A 86 -11.07 10.18 -15.50
CA LEU A 86 -10.32 10.33 -14.26
C LEU A 86 -10.34 11.77 -13.74
N CYS A 87 -11.41 12.53 -14.03
CA CYS A 87 -11.53 13.91 -13.59
C CYS A 87 -12.61 14.14 -12.54
N GLY A 88 -13.31 13.11 -12.10
CA GLY A 88 -14.38 13.36 -11.16
C GLY A 88 -15.71 13.37 -11.87
N GLU A 89 -16.72 12.76 -11.26
CA GLU A 89 -18.03 12.66 -11.88
C GLU A 89 -19.03 13.59 -11.23
N THR A 90 -19.21 13.50 -9.92
CA THR A 90 -20.17 14.37 -9.26
C THR A 90 -19.58 15.77 -9.07
N GLU A 91 -20.48 16.73 -8.84
CA GLU A 91 -20.03 18.08 -8.53
C GLU A 91 -19.08 18.10 -7.35
N GLU A 92 -19.37 17.30 -6.32
CA GLU A 92 -18.52 17.26 -5.15
C GLU A 92 -17.12 16.78 -5.49
N GLU A 93 -17.01 15.73 -6.33
CA GLU A 93 -15.69 15.26 -6.74
C GLU A 93 -14.96 16.32 -7.55
N LYS A 94 -15.67 16.99 -8.45
CA LYS A 94 -15.06 18.01 -9.30
C LYS A 94 -14.51 19.17 -8.48
N ILE A 95 -15.22 19.57 -7.42
CA ILE A 95 -14.70 20.61 -6.55
C ILE A 95 -13.39 20.17 -5.89
N ARG A 96 -13.37 18.97 -5.33
CA ARG A 96 -12.15 18.47 -4.70
C ARG A 96 -11.00 18.36 -5.69
N VAL A 97 -11.29 17.89 -6.90
CA VAL A 97 -10.29 17.82 -7.95
C VAL A 97 -9.75 19.20 -8.27
N ASP A 98 -10.65 20.19 -8.47
CA ASP A 98 -10.22 21.54 -8.83
C ASP A 98 -9.36 22.17 -7.74
N ILE A 99 -9.80 22.05 -6.48
CA ILE A 99 -9.00 22.58 -5.37
C ILE A 99 -7.62 21.95 -5.37
N LEU A 100 -7.55 20.62 -5.46
CA LEU A 100 -6.27 19.94 -5.34
C LEU A 100 -5.36 20.18 -6.54
N GLU A 101 -5.91 20.32 -7.75
CA GLU A 101 -5.07 20.60 -8.91
C GLU A 101 -4.26 21.86 -8.68
N ASN A 102 -4.88 22.87 -8.08
CA ASN A 102 -4.22 24.14 -7.81
C ASN A 102 -3.44 24.12 -6.51
N GLN A 103 -3.94 23.45 -5.48
CA GLN A 103 -3.24 23.37 -4.20
C GLN A 103 -1.92 22.62 -4.33
N THR A 104 -1.92 21.49 -5.05
CA THR A 104 -0.66 20.76 -5.20
C THR A 104 0.38 21.59 -5.96
N MET A 105 -0.04 22.35 -6.98
CA MET A 105 0.93 23.21 -7.65
C MET A 105 1.48 24.24 -6.68
N ASP A 106 0.62 24.84 -5.85
CA ASP A 106 1.10 25.78 -4.85
C ASP A 106 2.18 25.15 -3.99
N ASN A 107 1.91 23.97 -3.43
CA ASN A 107 2.87 23.37 -2.52
C ASN A 107 4.11 22.91 -3.27
N HIS A 108 3.95 22.40 -4.49
CA HIS A 108 5.10 22.04 -5.31
C HIS A 108 6.00 23.25 -5.55
N MET A 109 5.38 24.38 -5.91
CA MET A 109 6.16 25.57 -6.23
C MET A 109 6.82 26.14 -4.99
N GLN A 110 6.19 25.99 -3.82
CA GLN A 110 6.80 26.48 -2.58
C GLN A 110 8.05 25.70 -2.21
N LEU A 111 8.08 24.39 -2.48
CA LEU A 111 9.31 23.64 -2.29
C LEU A 111 10.34 24.00 -3.36
N GLY A 112 9.90 24.15 -4.60
CA GLY A 112 10.79 24.59 -5.66
C GLY A 112 11.43 25.93 -5.36
N MET A 113 10.65 26.86 -4.79
CA MET A 113 11.18 28.20 -4.50
C MET A 113 12.38 28.13 -3.57
N ILE A 114 12.29 27.36 -2.49
CA ILE A 114 13.43 27.33 -1.57
C ILE A 114 14.56 26.47 -2.15
N CYS A 115 14.23 25.39 -2.88
CA CYS A 115 15.28 24.52 -3.40
C CYS A 115 16.05 25.14 -4.56
N TYR A 116 15.50 26.16 -5.21
CA TYR A 116 16.20 26.89 -6.25
C TYR A 116 16.82 28.18 -5.74
N ASN A 117 16.57 28.53 -4.49
CA ASN A 117 17.05 29.79 -3.94
C ASN A 117 18.50 29.64 -3.48
N PRO A 118 19.39 30.57 -3.85
CA PRO A 118 20.80 30.47 -3.41
C PRO A 118 20.96 30.43 -1.89
N GLU A 119 20.05 31.04 -1.14
CA GLU A 119 20.07 31.01 0.32
C GLU A 119 19.29 29.84 0.88
N PHE A 120 19.36 28.68 0.19
CA PHE A 120 18.57 27.51 0.55
C PHE A 120 18.78 27.11 2.01
N GLU A 121 20.04 27.00 2.44
CA GLU A 121 20.32 26.59 3.81
C GLU A 121 19.80 27.61 4.82
N LYS A 122 19.81 28.88 4.46
CA LYS A 122 19.26 29.91 5.35
C LYS A 122 17.75 29.73 5.52
N LEU A 123 17.05 29.33 4.46
CA LEU A 123 15.60 29.27 4.45
C LEU A 123 15.01 27.92 4.86
N LYS A 124 15.79 26.84 4.79
CA LYS A 124 15.26 25.53 5.11
C LYS A 124 14.63 25.41 6.51
N PRO A 125 15.24 25.93 7.59
CA PRO A 125 14.65 25.65 8.91
C PRO A 125 13.21 26.10 9.06
N LYS A 126 12.85 27.29 8.57
CA LYS A 126 11.47 27.75 8.73
C LYS A 126 10.53 26.97 7.83
N TYR A 127 10.99 26.62 6.62
CA TYR A 127 10.16 25.77 5.77
C TYR A 127 9.86 24.45 6.47
N LEU A 128 10.85 23.87 7.14
CA LEU A 128 10.64 22.63 7.87
C LEU A 128 9.77 22.84 9.11
N GLU A 129 9.87 24.02 9.73
CA GLU A 129 8.98 24.33 10.86
C GLU A 129 7.53 24.36 10.43
N GLU A 130 7.25 24.85 9.24
CA GLU A 130 5.89 25.00 8.74
C GLU A 130 5.41 23.77 7.98
N LEU A 131 6.26 22.79 7.77
CA LEU A 131 5.86 21.68 6.92
C LEU A 131 4.79 20.79 7.56
N PRO A 132 4.85 20.48 8.87
CA PRO A 132 3.79 19.61 9.44
C PRO A 132 2.39 20.16 9.24
N GLU A 133 2.20 21.48 9.36
CA GLU A 133 0.86 22.03 9.19
C GLU A 133 0.38 21.88 7.75
N LYS A 134 1.29 22.01 6.79
CA LYS A 134 0.96 21.79 5.39
C LYS A 134 0.48 20.37 5.16
N LEU A 135 1.21 19.40 5.71
CA LEU A 135 0.86 18.01 5.48
C LEU A 135 -0.41 17.64 6.23
N LYS A 136 -0.61 18.22 7.42
CA LYS A 136 -1.83 18.01 8.18
C LYS A 136 -3.07 18.37 7.36
N LEU A 137 -2.99 19.44 6.56
CA LEU A 137 -4.10 19.83 5.71
C LEU A 137 -4.45 18.72 4.70
N TYR A 138 -3.43 18.11 4.09
CA TYR A 138 -3.69 16.99 3.20
C TYR A 138 -4.29 15.81 3.95
N SER A 139 -3.77 15.52 5.15
CA SER A 139 -4.28 14.39 5.91
C SER A 139 -5.73 14.62 6.33
N GLU A 140 -6.06 15.82 6.79
CA GLU A 140 -7.42 16.08 7.21
C GLU A 140 -8.38 16.10 6.01
N PHE A 141 -7.90 16.56 4.86
CA PHE A 141 -8.73 16.58 3.66
C PHE A 141 -9.06 15.17 3.20
N LEU A 142 -8.08 14.26 3.25
CA LEU A 142 -8.34 12.88 2.85
C LEU A 142 -9.27 12.20 3.84
N GLY A 143 -9.02 12.37 5.12
CA GLY A 143 -9.84 11.64 6.09
C GLY A 143 -9.64 10.15 5.91
N LYS A 144 -10.74 9.41 5.98
CA LYS A 144 -10.76 7.97 5.78
C LYS A 144 -11.09 7.59 4.34
N ARG A 145 -11.08 8.55 3.42
CA ARG A 145 -11.36 8.25 2.02
C ARG A 145 -10.21 7.44 1.41
N PRO A 146 -10.51 6.57 0.44
CA PRO A 146 -9.42 5.86 -0.23
C PRO A 146 -8.61 6.73 -1.17
N TRP A 147 -9.25 7.73 -1.79
CA TRP A 147 -8.61 8.61 -2.75
C TRP A 147 -9.08 10.03 -2.47
N PHE A 148 -8.36 11.00 -3.03
CA PHE A 148 -8.56 12.37 -2.56
C PHE A 148 -9.87 12.99 -3.05
N ALA A 149 -10.42 12.56 -4.18
CA ALA A 149 -11.70 13.09 -4.62
C ALA A 149 -12.91 12.35 -4.04
N GLY A 150 -12.68 11.20 -3.39
CA GLY A 150 -13.74 10.36 -2.91
C GLY A 150 -13.40 8.89 -3.01
N ASN A 151 -14.34 8.08 -3.51
CA ASN A 151 -14.15 6.64 -3.53
CA ASN A 151 -14.20 6.64 -3.55
C ASN A 151 -13.46 6.13 -4.77
N LYS A 152 -13.22 6.97 -5.77
CA LYS A 152 -12.55 6.55 -6.99
C LYS A 152 -11.30 7.39 -7.22
N ILE A 153 -10.27 6.75 -7.76
CA ILE A 153 -9.03 7.46 -8.06
C ILE A 153 -9.26 8.44 -9.20
N THR A 154 -8.60 9.60 -9.12
CA THR A 154 -8.62 10.62 -10.17
C THR A 154 -7.20 11.11 -10.41
N PHE A 155 -7.02 12.01 -11.39
CA PHE A 155 -5.65 12.43 -11.66
C PHE A 155 -5.03 13.21 -10.51
N VAL A 156 -5.83 13.81 -9.63
CA VAL A 156 -5.20 14.59 -8.57
C VAL A 156 -4.55 13.68 -7.54
N ASP A 157 -4.91 12.39 -7.48
CA ASP A 157 -4.14 11.48 -6.63
C ASP A 157 -2.68 11.39 -7.08
N PHE A 158 -2.43 11.49 -8.38
CA PHE A 158 -1.08 11.46 -8.89
C PHE A 158 -0.32 12.71 -8.48
N LEU A 159 -1.02 13.85 -8.48
CA LEU A 159 -0.43 15.11 -8.04
C LEU A 159 -0.14 15.10 -6.55
N VAL A 160 -1.08 14.59 -5.75
CA VAL A 160 -0.85 14.54 -4.30
C VAL A 160 0.26 13.55 -3.97
N TYR A 161 0.26 12.39 -4.65
CA TYR A 161 1.35 11.45 -4.45
C TYR A 161 2.69 12.12 -4.68
N ASP A 162 2.82 12.87 -5.78
CA ASP A 162 4.12 13.48 -6.06
C ASP A 162 4.52 14.45 -4.97
N VAL A 163 3.60 15.31 -4.51
CA VAL A 163 3.98 16.31 -3.51
C VAL A 163 4.36 15.63 -2.21
N LEU A 164 3.61 14.61 -1.80
CA LEU A 164 3.96 13.92 -0.56
C LEU A 164 5.31 13.22 -0.70
N ASP A 165 5.52 12.55 -1.84
CA ASP A 165 6.75 11.78 -2.01
C ASP A 165 7.97 12.70 -2.06
N LEU A 166 7.84 13.83 -2.76
CA LEU A 166 8.89 14.84 -2.75
C LEU A 166 9.27 15.20 -1.33
N HIS A 167 8.27 15.35 -0.46
CA HIS A 167 8.57 15.80 0.90
C HIS A 167 9.13 14.69 1.76
N ARG A 168 8.78 13.42 1.50
CA ARG A 168 9.49 12.40 2.26
C ARG A 168 10.91 12.20 1.77
N ILE A 169 11.21 12.55 0.51
CA ILE A 169 12.61 12.64 0.12
C ILE A 169 13.29 13.79 0.84
N PHE A 170 12.63 14.95 0.89
CA PHE A 170 13.19 16.14 1.51
C PHE A 170 13.36 15.94 3.01
N GLU A 171 12.37 15.33 3.67
CA GLU A 171 12.36 15.17 5.13
C GLU A 171 11.79 13.79 5.45
N PRO A 172 12.66 12.78 5.58
CA PRO A 172 12.18 11.39 5.61
C PRO A 172 11.12 11.07 6.65
N LYS A 173 11.10 11.75 7.79
CA LYS A 173 10.14 11.43 8.83
C LYS A 173 8.83 12.21 8.70
N CYS A 174 8.67 13.03 7.67
CA CYS A 174 7.62 14.05 7.71
C CYS A 174 6.20 13.47 7.64
N LEU A 175 6.04 12.23 7.17
CA LEU A 175 4.73 11.59 7.12
C LEU A 175 4.43 10.74 8.35
N ASP A 176 5.37 10.64 9.30
CA ASP A 176 5.21 9.70 10.40
C ASP A 176 3.96 9.99 11.21
N ALA A 177 3.67 11.27 11.44
CA ALA A 177 2.51 11.72 12.20
C ALA A 177 1.18 11.56 11.46
N PHE A 178 1.19 11.12 10.21
CA PHE A 178 -0.02 11.07 9.38
C PHE A 178 -0.18 9.69 8.77
N PRO A 179 -0.63 8.71 9.56
CA PRO A 179 -0.83 7.36 9.02
C PRO A 179 -1.72 7.31 7.77
N ASN A 180 -2.79 8.10 7.69
CA ASN A 180 -3.63 7.98 6.50
C ASN A 180 -2.89 8.43 5.25
N LEU A 181 -1.90 9.33 5.36
CA LEU A 181 -1.10 9.69 4.19
C LEU A 181 -0.12 8.57 3.85
N LYS A 182 0.44 7.91 4.88
CA LYS A 182 1.27 6.75 4.60
C LYS A 182 0.46 5.66 3.93
N ASP A 183 -0.77 5.42 4.41
CA ASP A 183 -1.61 4.40 3.79
C ASP A 183 -1.94 4.78 2.35
N PHE A 184 -2.14 6.07 2.09
CA PHE A 184 -2.44 6.52 0.74
C PHE A 184 -1.27 6.23 -0.21
N ILE A 185 -0.06 6.56 0.23
CA ILE A 185 1.13 6.23 -0.56
C ILE A 185 1.17 4.73 -0.83
N SER A 186 0.88 3.92 0.19
CA SER A 186 0.89 2.47 -0.01
C SER A 186 -0.15 2.03 -1.04
N ARG A 187 -1.32 2.66 -1.01
CA ARG A 187 -2.37 2.39 -1.99
C ARG A 187 -1.96 2.83 -3.39
N PHE A 188 -1.37 4.02 -3.49
CA PHE A 188 -0.95 4.49 -4.81
C PHE A 188 0.14 3.59 -5.39
N GLU A 189 1.17 3.30 -4.59
CA GLU A 189 2.26 2.45 -5.07
C GLU A 189 1.82 1.01 -5.20
N GLY A 190 0.69 0.62 -4.57
CA GLY A 190 0.13 -0.71 -4.68
C GLY A 190 -0.78 -0.93 -5.86
N LEU A 191 -1.05 0.13 -6.65
CA LEU A 191 -1.71 -0.09 -7.92
C LEU A 191 -0.83 -0.97 -8.79
N GLU A 192 -1.44 -1.98 -9.44
CA GLU A 192 -0.64 -2.96 -10.17
C GLU A 192 0.24 -2.29 -11.22
N LYS A 193 -0.31 -1.35 -12.00
CA LYS A 193 0.49 -0.75 -13.06
C LYS A 193 1.54 0.22 -12.51
N ILE A 194 1.28 0.84 -11.36
CA ILE A 194 2.30 1.68 -10.74
C ILE A 194 3.42 0.83 -10.17
N SER A 195 3.08 -0.27 -9.48
CA SER A 195 4.09 -1.17 -8.93
C SER A 195 5.03 -1.68 -10.01
N ALA A 196 4.47 -2.16 -11.12
CA ALA A 196 5.30 -2.67 -12.21
C ALA A 196 6.21 -1.58 -12.78
N TYR A 197 5.64 -0.39 -13.01
CA TYR A 197 6.40 0.72 -13.55
C TYR A 197 7.56 1.10 -12.64
N MET A 198 7.33 1.13 -11.32
CA MET A 198 8.39 1.51 -10.39
C MET A 198 9.53 0.50 -10.39
N LYS A 199 9.26 -0.76 -10.73
CA LYS A 199 10.31 -1.76 -10.86
C LYS A 199 10.93 -1.78 -12.24
N SER A 200 10.41 -1.00 -13.17
CA SER A 200 10.86 -1.02 -14.56
C SER A 200 12.09 -0.12 -14.74
N SER A 201 12.75 -0.30 -15.90
CA SER A 201 13.89 0.53 -16.24
C SER A 201 13.49 1.94 -16.68
N ARG A 202 12.20 2.20 -16.88
CA ARG A 202 11.74 3.54 -17.23
C ARG A 202 11.55 4.44 -16.01
N PHE A 203 11.52 3.89 -14.81
CA PHE A 203 11.24 4.69 -13.62
C PHE A 203 12.39 5.67 -13.39
N LEU A 204 12.03 6.93 -13.13
CA LEU A 204 12.99 8.03 -13.05
C LEU A 204 12.71 8.91 -11.84
N PRO A 205 13.00 8.43 -10.63
CA PRO A 205 12.68 9.21 -9.43
C PRO A 205 13.61 10.37 -9.16
N ARG A 206 14.84 10.34 -9.69
CA ARG A 206 15.87 11.34 -9.45
C ARG A 206 16.55 11.67 -10.76
N PRO A 207 17.11 12.89 -10.90
CA PRO A 207 17.11 13.99 -9.94
C PRO A 207 15.72 14.61 -9.77
N VAL A 208 15.49 15.14 -8.56
CA VAL A 208 14.19 15.73 -8.24
C VAL A 208 13.95 16.97 -9.08
N PHE A 209 14.95 17.83 -9.20
CA PHE A 209 14.83 19.13 -9.86
C PHE A 209 15.89 19.26 -10.94
N SER A 210 15.91 20.42 -11.60
CA SER A 210 16.86 20.62 -12.68
C SER A 210 18.26 20.90 -12.13
N LYS A 211 19.23 21.00 -13.05
CA LYS A 211 20.61 21.27 -12.64
C LYS A 211 20.78 22.64 -11.98
N MET A 212 19.84 23.57 -12.22
CA MET A 212 19.92 24.87 -11.58
C MET A 212 19.60 24.83 -10.10
N ALA A 213 19.09 23.72 -9.59
CA ALA A 213 18.64 23.67 -8.20
C ALA A 213 19.80 23.64 -7.24
N VAL A 214 19.56 24.13 -6.03
CA VAL A 214 20.53 24.01 -4.95
C VAL A 214 20.36 22.68 -4.23
N TRP A 215 19.11 22.30 -3.98
CA TRP A 215 18.77 20.99 -3.46
C TRP A 215 18.04 20.21 -4.55
N GLY A 216 18.44 18.95 -4.72
CA GLY A 216 17.77 18.07 -5.67
C GLY A 216 18.23 18.18 -7.10
N ASN A 217 19.42 18.75 -7.34
CA ASN A 217 19.99 18.85 -8.68
C ASN A 217 20.68 17.59 -9.14
N LYS A 218 20.87 16.61 -8.26
CA LYS A 218 21.53 15.36 -8.63
C LYS A 218 20.69 14.15 -8.23
N MET B 1 32.71 -30.94 9.10
CA MET B 1 31.98 -29.70 8.83
C MET B 1 30.50 -29.95 9.08
N PRO B 2 30.15 -30.28 10.32
CA PRO B 2 28.84 -30.86 10.60
C PRO B 2 27.78 -29.82 10.94
N MET B 3 26.57 -30.09 10.48
CA MET B 3 25.41 -29.39 10.99
C MET B 3 25.27 -29.65 12.48
N ILE B 4 24.67 -28.70 13.18
CA ILE B 4 24.33 -28.84 14.59
C ILE B 4 22.82 -28.99 14.68
N LEU B 5 22.35 -30.11 15.22
CA LEU B 5 20.95 -30.28 15.57
C LEU B 5 20.81 -30.08 17.08
N GLY B 6 20.01 -29.09 17.48
CA GLY B 6 19.79 -28.80 18.89
C GLY B 6 18.42 -29.26 19.33
N TYR B 7 18.39 -30.00 20.45
CA TYR B 7 17.12 -30.50 20.96
C TYR B 7 17.34 -31.04 22.37
N TRP B 8 16.24 -31.26 23.08
CA TRP B 8 16.27 -32.01 24.33
C TRP B 8 16.78 -33.42 24.07
N ASP B 9 17.29 -34.05 25.13
CA ASP B 9 17.90 -35.37 25.06
C ASP B 9 16.83 -36.45 25.12
N ILE B 10 15.88 -36.33 24.19
CA ILE B 10 14.75 -37.23 24.06
C ILE B 10 14.52 -37.48 22.58
N ARG B 11 13.59 -38.38 22.30
CA ARG B 11 13.10 -38.59 20.95
C ARG B 11 12.40 -37.33 20.44
N GLY B 12 11.19 -37.07 20.95
CA GLY B 12 10.41 -35.88 20.69
C GLY B 12 10.36 -35.50 19.23
N LEU B 13 10.38 -34.20 18.98
CA LEU B 13 10.21 -33.67 17.63
C LEU B 13 11.46 -33.78 16.77
N ALA B 14 12.54 -34.35 17.27
CA ALA B 14 13.76 -34.50 16.50
C ALA B 14 13.89 -35.87 15.84
N HIS B 15 12.96 -36.79 16.11
CA HIS B 15 13.13 -38.16 15.65
C HIS B 15 13.13 -38.24 14.13
N ALA B 16 12.11 -37.62 13.51
CA ALA B 16 12.06 -37.63 12.05
C ALA B 16 13.25 -36.89 11.44
N ILE B 17 13.74 -35.82 12.10
CA ILE B 17 14.89 -35.08 11.60
C ILE B 17 16.14 -35.96 11.68
N ARG B 18 16.38 -36.57 12.84
CA ARG B 18 17.52 -37.49 12.99
C ARG B 18 17.49 -38.57 11.91
N LEU B 19 16.32 -39.17 11.69
CA LEU B 19 16.22 -40.24 10.69
C LEU B 19 16.53 -39.70 9.29
N LEU B 20 16.03 -38.52 8.97
CA LEU B 20 16.28 -37.98 7.63
C LEU B 20 17.75 -37.61 7.47
N LEU B 21 18.37 -37.05 8.50
CA LEU B 21 19.79 -36.75 8.44
C LEU B 21 20.58 -38.02 8.20
N GLU B 22 20.16 -39.13 8.81
CA GLU B 22 20.87 -40.39 8.63
C GLU B 22 20.61 -40.97 7.24
N TYR B 23 19.35 -40.91 6.78
CA TYR B 23 19.03 -41.48 5.47
C TYR B 23 19.78 -40.78 4.35
N THR B 24 20.00 -39.48 4.49
CA THR B 24 20.70 -38.67 3.48
C THR B 24 22.21 -38.64 3.70
N ASP B 25 22.72 -39.41 4.68
CA ASP B 25 24.14 -39.45 4.99
C ASP B 25 24.69 -38.05 5.26
N SER B 26 23.88 -37.22 5.93
CA SER B 26 24.27 -35.86 6.27
C SER B 26 25.29 -35.88 7.41
N SER B 27 26.22 -34.93 7.36
CA SER B 27 27.21 -34.77 8.42
C SER B 27 26.67 -33.83 9.48
N TYR B 28 26.49 -34.33 10.70
CA TYR B 28 25.89 -33.52 11.77
C TYR B 28 26.36 -33.99 13.13
N GLU B 29 26.32 -33.06 14.09
CA GLU B 29 26.50 -33.32 15.51
C GLU B 29 25.28 -32.81 16.25
N GLU B 30 25.02 -33.35 17.44
CA GLU B 30 23.86 -32.96 18.21
C GLU B 30 24.28 -32.13 19.41
N LYS B 31 23.58 -31.01 19.63
CA LYS B 31 23.68 -30.22 20.84
C LYS B 31 22.50 -30.62 21.72
N LYS B 32 22.77 -31.31 22.82
CA LYS B 32 21.72 -31.90 23.63
C LYS B 32 21.47 -31.03 24.85
N TYR B 33 20.23 -30.60 25.01
CA TYR B 33 19.80 -29.88 26.20
C TYR B 33 19.17 -30.87 27.16
N THR B 34 19.52 -30.76 28.44
CA THR B 34 19.05 -31.69 29.46
C THR B 34 18.04 -30.98 30.36
N MET B 35 16.81 -31.48 30.36
CA MET B 35 15.78 -30.96 31.25
C MET B 35 16.04 -31.40 32.68
N GLY B 36 15.82 -30.50 33.62
CA GLY B 36 15.98 -30.85 35.02
C GLY B 36 14.91 -31.82 35.49
N ASP B 37 15.17 -32.42 36.65
CA ASP B 37 14.29 -33.43 37.22
C ASP B 37 13.17 -32.78 38.03
N ALA B 38 12.23 -33.63 38.47
CA ALA B 38 11.16 -33.17 39.33
C ALA B 38 11.74 -32.60 40.62
N PRO B 39 11.05 -31.65 41.27
CA PRO B 39 9.75 -31.09 40.87
C PRO B 39 9.83 -29.85 39.98
N ASP B 40 11.01 -29.26 39.86
CA ASP B 40 11.13 -28.01 39.13
C ASP B 40 11.13 -28.21 37.63
N TYR B 41 11.56 -29.39 37.15
CA TYR B 41 11.69 -29.66 35.72
C TYR B 41 12.42 -28.52 35.01
N ASP B 42 13.59 -28.19 35.54
CA ASP B 42 14.32 -27.00 35.12
C ASP B 42 14.69 -27.06 33.65
N ARG B 43 14.27 -26.06 32.89
CA ARG B 43 14.58 -25.96 31.47
C ARG B 43 15.60 -24.86 31.18
N SER B 44 16.35 -24.41 32.18
CA SER B 44 17.16 -23.22 32.02
C SER B 44 18.35 -23.42 31.11
N GLN B 45 18.83 -24.66 30.92
CA GLN B 45 19.93 -24.86 30.00
C GLN B 45 19.55 -24.40 28.60
N TRP B 46 18.29 -24.61 28.23
CA TRP B 46 17.84 -24.12 26.95
C TRP B 46 17.41 -22.65 27.04
N LEU B 47 16.54 -22.33 28.01
CA LEU B 47 15.96 -20.99 28.08
C LEU B 47 17.03 -19.90 28.21
N ASN B 48 18.15 -20.23 28.86
CA ASN B 48 19.23 -19.25 29.01
C ASN B 48 20.09 -19.13 27.76
N GLU B 49 20.07 -20.11 26.87
CA GLU B 49 20.81 -20.01 25.63
C GLU B 49 19.91 -19.61 24.48
N LYS B 50 18.60 -19.65 24.73
CA LYS B 50 17.58 -19.55 23.69
C LYS B 50 17.77 -18.30 22.83
N PHE B 51 18.15 -17.17 23.44
CA PHE B 51 18.30 -15.92 22.72
C PHE B 51 19.76 -15.58 22.40
N LYS B 52 20.68 -16.56 22.50
CA LYS B 52 22.09 -16.32 22.26
C LYS B 52 22.65 -17.07 21.04
N LEU B 53 21.79 -17.63 20.19
CA LEU B 53 22.26 -18.48 19.11
C LEU B 53 22.03 -17.90 17.72
N GLY B 54 21.46 -16.70 17.62
CA GLY B 54 21.19 -16.13 16.31
C GLY B 54 19.98 -16.71 15.60
N LEU B 55 19.09 -17.39 16.33
CA LEU B 55 17.86 -17.89 15.74
C LEU B 55 16.85 -16.76 15.60
N ASP B 56 16.07 -16.79 14.52
CA ASP B 56 15.10 -15.72 14.28
C ASP B 56 13.86 -15.87 15.15
N PHE B 57 13.40 -17.10 15.35
CA PHE B 57 12.27 -17.40 16.25
C PHE B 57 12.75 -18.55 17.12
N PRO B 58 13.43 -18.24 18.22
CA PRO B 58 14.14 -19.28 18.97
C PRO B 58 13.18 -20.36 19.45
N ASN B 59 13.55 -21.60 19.19
CA ASN B 59 12.70 -22.75 19.45
C ASN B 59 13.56 -24.00 19.36
N LEU B 60 13.05 -25.08 19.96
CA LEU B 60 13.64 -26.40 19.79
C LEU B 60 12.68 -27.31 19.05
N PRO B 61 13.16 -28.13 18.11
CA PRO B 61 14.55 -28.27 17.68
C PRO B 61 15.01 -27.12 16.78
N TYR B 62 16.32 -26.93 16.66
CA TYR B 62 16.90 -26.04 15.66
C TYR B 62 17.97 -26.78 14.90
N LEU B 63 18.26 -26.27 13.70
CA LEU B 63 19.35 -26.76 12.86
C LEU B 63 20.26 -25.60 12.47
N ILE B 64 21.55 -25.75 12.71
CA ILE B 64 22.53 -24.77 12.25
C ILE B 64 23.37 -25.46 11.20
N ASP B 65 23.42 -24.87 10.00
CA ASP B 65 24.21 -25.38 8.87
C ASP B 65 24.86 -24.15 8.23
N GLY B 66 26.03 -23.79 8.71
CA GLY B 66 26.70 -22.61 8.19
C GLY B 66 25.94 -21.36 8.58
N ALA B 67 25.66 -20.51 7.59
CA ALA B 67 24.84 -19.33 7.83
C ALA B 67 23.36 -19.67 7.98
N HIS B 68 22.95 -20.89 7.63
CA HIS B 68 21.55 -21.26 7.68
C HIS B 68 21.21 -21.71 9.09
N LYS B 69 20.42 -20.91 9.81
CA LYS B 69 19.93 -21.26 11.13
C LYS B 69 18.42 -21.40 11.02
N ILE B 70 17.90 -22.58 11.34
CA ILE B 70 16.51 -22.92 11.05
C ILE B 70 15.85 -23.44 12.30
N THR B 71 14.62 -22.99 12.55
CA THR B 71 13.72 -23.52 13.55
C THR B 71 12.47 -24.02 12.85
N GLN B 72 11.58 -24.66 13.61
CA GLN B 72 10.36 -25.34 13.15
C GLN B 72 10.71 -26.66 12.47
N SER B 73 10.28 -27.77 13.07
CA SER B 73 10.72 -29.09 12.63
C SER B 73 10.41 -29.35 11.15
N ASN B 74 9.24 -28.90 10.67
CA ASN B 74 8.95 -29.08 9.25
C ASN B 74 9.87 -28.25 8.36
N ALA B 75 10.21 -27.02 8.78
CA ALA B 75 11.12 -26.23 7.97
C ALA B 75 12.52 -26.85 7.95
N ILE B 76 12.94 -27.43 9.07
CA ILE B 76 14.20 -28.17 9.12
C ILE B 76 14.16 -29.34 8.14
N LEU B 77 13.08 -30.13 8.21
CA LEU B 77 12.97 -31.29 7.32
C LEU B 77 13.01 -30.86 5.86
N CYS B 78 12.28 -29.79 5.52
CA CYS B 78 12.26 -29.32 4.13
C CYS B 78 13.64 -28.87 3.69
N TYR B 79 14.38 -28.20 4.58
CA TYR B 79 15.72 -27.74 4.23
C TYR B 79 16.63 -28.90 3.86
N ILE B 80 16.61 -29.97 4.67
CA ILE B 80 17.42 -31.15 4.35
C ILE B 80 16.89 -31.82 3.08
N ALA B 81 15.57 -31.93 2.97
CA ALA B 81 14.97 -32.68 1.86
C ALA B 81 15.27 -32.04 0.52
N ARG B 82 15.39 -30.71 0.47
CA ARG B 82 15.67 -30.04 -0.80
C ARG B 82 17.06 -30.35 -1.33
N LYS B 83 18.02 -30.69 -0.45
CA LYS B 83 19.36 -31.04 -0.88
C LYS B 83 19.43 -32.43 -1.49
N HIS B 84 18.37 -33.23 -1.35
CA HIS B 84 18.41 -34.62 -1.78
C HIS B 84 17.17 -34.99 -2.58
N ASN B 85 16.45 -34.01 -3.11
CA ASN B 85 15.28 -34.24 -3.97
C ASN B 85 14.26 -35.16 -3.29
N LEU B 86 13.87 -34.78 -2.07
CA LEU B 86 12.92 -35.56 -1.29
C LEU B 86 11.67 -34.78 -0.95
N CYS B 87 11.24 -33.89 -1.85
CA CYS B 87 10.13 -32.98 -1.59
C CYS B 87 8.91 -33.22 -2.47
N GLY B 88 8.93 -34.20 -3.34
CA GLY B 88 7.85 -34.36 -4.28
C GLY B 88 8.19 -33.68 -5.59
N GLU B 89 7.96 -34.38 -6.70
CA GLU B 89 8.26 -33.83 -8.02
C GLU B 89 7.01 -33.34 -8.74
N THR B 90 5.97 -34.15 -8.83
CA THR B 90 4.77 -33.77 -9.54
C THR B 90 3.89 -32.93 -8.64
N GLU B 91 2.99 -32.17 -9.26
CA GLU B 91 2.04 -31.39 -8.48
C GLU B 91 1.27 -32.30 -7.52
N GLU B 92 0.87 -33.48 -7.99
CA GLU B 92 0.18 -34.42 -7.12
C GLU B 92 1.03 -34.77 -5.91
N GLU B 93 2.32 -35.05 -6.13
CA GLU B 93 3.18 -35.40 -5.00
C GLU B 93 3.30 -34.22 -4.03
N LYS B 94 3.44 -33.00 -4.56
CA LYS B 94 3.60 -31.82 -3.72
C LYS B 94 2.38 -31.59 -2.84
N ILE B 95 1.18 -31.79 -3.40
CA ILE B 95 -0.05 -31.66 -2.61
C ILE B 95 -0.04 -32.69 -1.49
N ARG B 96 0.25 -33.95 -1.82
CA ARG B 96 0.27 -34.99 -0.79
C ARG B 96 1.29 -34.66 0.30
N VAL B 97 2.46 -34.13 -0.08
CA VAL B 97 3.49 -33.78 0.91
C VAL B 97 2.99 -32.67 1.82
N ASP B 98 2.38 -31.64 1.24
CA ASP B 98 1.89 -30.51 2.04
C ASP B 98 0.78 -30.94 2.99
N ILE B 99 -0.17 -31.74 2.50
CA ILE B 99 -1.25 -32.18 3.39
C ILE B 99 -0.67 -32.96 4.56
N LEU B 100 0.20 -33.92 4.27
CA LEU B 100 0.70 -34.82 5.30
C LEU B 100 1.61 -34.07 6.27
N GLU B 101 2.37 -33.09 5.80
CA GLU B 101 3.26 -32.37 6.69
C GLU B 101 2.47 -31.66 7.78
N ASN B 102 1.26 -31.19 7.44
CA ASN B 102 0.41 -30.55 8.43
C ASN B 102 -0.40 -31.57 9.20
N GLN B 103 -0.86 -32.64 8.52
CA GLN B 103 -1.68 -33.65 9.16
C GLN B 103 -0.89 -34.41 10.22
N THR B 104 0.36 -34.79 9.91
CA THR B 104 1.17 -35.51 10.88
C THR B 104 1.41 -34.65 12.10
N MET B 105 1.59 -33.33 11.92
CA MET B 105 1.83 -32.43 13.06
C MET B 105 0.60 -32.35 13.94
N ASP B 106 -0.60 -32.29 13.32
CA ASP B 106 -1.85 -32.29 14.07
C ASP B 106 -1.98 -33.56 14.91
N ASN B 107 -1.73 -34.72 14.29
CA ASN B 107 -1.86 -35.96 15.04
C ASN B 107 -0.77 -36.12 16.10
N HIS B 108 0.45 -35.63 15.83
CA HIS B 108 1.49 -35.65 16.86
C HIS B 108 1.07 -34.80 18.06
N MET B 109 0.60 -33.59 17.80
CA MET B 109 0.23 -32.68 18.87
C MET B 109 -0.99 -33.20 19.64
N GLN B 110 -1.89 -33.93 18.96
CA GLN B 110 -3.03 -34.50 19.69
C GLN B 110 -2.54 -35.55 20.69
N LEU B 111 -1.56 -36.36 20.30
CA LEU B 111 -0.96 -37.30 21.23
C LEU B 111 -0.25 -36.58 22.36
N GLY B 112 0.55 -35.56 22.02
CA GLY B 112 1.29 -34.83 23.03
C GLY B 112 0.40 -34.12 24.03
N MET B 113 -0.76 -33.66 23.60
CA MET B 113 -1.59 -32.89 24.51
C MET B 113 -2.19 -33.78 25.60
N ILE B 114 -2.65 -34.98 25.23
CA ILE B 114 -3.15 -35.87 26.27
C ILE B 114 -2.01 -36.42 27.12
N CYS B 115 -0.85 -36.66 26.53
CA CYS B 115 0.27 -37.22 27.29
C CYS B 115 0.96 -36.20 28.19
N TYR B 116 0.75 -34.90 27.97
CA TYR B 116 1.24 -33.89 28.90
C TYR B 116 0.16 -33.41 29.88
N ASN B 117 -1.05 -33.94 29.76
CA ASN B 117 -2.18 -33.48 30.57
C ASN B 117 -2.19 -34.20 31.91
N PRO B 118 -2.36 -33.49 33.03
CA PRO B 118 -2.47 -34.18 34.33
C PRO B 118 -3.54 -35.27 34.33
N GLU B 119 -4.60 -35.12 33.54
CA GLU B 119 -5.70 -36.07 33.50
C GLU B 119 -5.54 -37.11 32.40
N PHE B 120 -4.29 -37.36 31.98
CA PHE B 120 -4.01 -38.32 30.91
C PHE B 120 -4.83 -39.61 31.01
N GLU B 121 -4.79 -40.26 32.17
CA GLU B 121 -5.51 -41.53 32.34
C GLU B 121 -7.00 -41.38 32.10
N LYS B 122 -7.56 -40.21 32.43
CA LYS B 122 -8.97 -39.97 32.19
C LYS B 122 -9.25 -39.73 30.71
N LEU B 123 -8.32 -39.07 30.02
CA LEU B 123 -8.48 -38.74 28.61
C LEU B 123 -8.14 -39.90 27.67
N LYS B 124 -7.35 -40.87 28.14
CA LYS B 124 -6.92 -41.96 27.26
C LYS B 124 -8.06 -42.78 26.65
N PRO B 125 -9.14 -43.13 27.37
CA PRO B 125 -10.21 -43.90 26.71
C PRO B 125 -10.81 -43.23 25.48
N LYS B 126 -11.06 -41.92 25.52
CA LYS B 126 -11.59 -41.23 24.35
C LYS B 126 -10.58 -41.25 23.20
N TYR B 127 -9.30 -41.10 23.53
CA TYR B 127 -8.26 -41.06 22.50
C TYR B 127 -8.11 -42.42 21.81
N LEU B 128 -8.17 -43.52 22.57
CA LEU B 128 -8.02 -44.84 21.96
C LEU B 128 -9.26 -45.23 21.17
N GLU B 129 -10.44 -44.77 21.58
CA GLU B 129 -11.65 -45.09 20.84
C GLU B 129 -11.65 -44.44 19.47
N GLU B 130 -11.08 -43.24 19.35
CA GLU B 130 -11.01 -42.53 18.09
C GLU B 130 -9.78 -42.87 17.27
N LEU B 131 -8.82 -43.59 17.86
CA LEU B 131 -7.57 -43.90 17.15
C LEU B 131 -7.76 -44.75 15.90
N PRO B 132 -8.53 -45.85 15.91
CA PRO B 132 -8.65 -46.66 14.68
C PRO B 132 -9.08 -45.87 13.45
N GLU B 133 -10.02 -44.92 13.60
CA GLU B 133 -10.41 -44.08 12.47
C GLU B 133 -9.27 -43.18 12.00
N LYS B 134 -8.48 -42.63 12.93
CA LYS B 134 -7.30 -41.86 12.53
C LYS B 134 -6.35 -42.70 11.71
N LEU B 135 -6.10 -43.94 12.16
CA LEU B 135 -5.14 -44.79 11.48
C LEU B 135 -5.71 -45.29 10.16
N LYS B 136 -7.01 -45.55 10.12
CA LYS B 136 -7.66 -45.94 8.87
C LYS B 136 -7.45 -44.89 7.79
N LEU B 137 -7.45 -43.61 8.18
CA LEU B 137 -7.26 -42.54 7.20
C LEU B 137 -5.86 -42.58 6.60
N TYR B 138 -4.83 -42.83 7.41
CA TYR B 138 -3.49 -43.01 6.85
C TYR B 138 -3.42 -44.25 5.96
N SER B 139 -4.06 -45.34 6.39
CA SER B 139 -4.03 -46.58 5.61
C SER B 139 -4.70 -46.38 4.26
N GLU B 140 -5.85 -45.68 4.24
CA GLU B 140 -6.56 -45.49 2.98
C GLU B 140 -5.81 -44.50 2.09
N PHE B 141 -5.23 -43.46 2.68
CA PHE B 141 -4.42 -42.52 1.93
C PHE B 141 -3.27 -43.24 1.24
N LEU B 142 -2.60 -44.14 1.96
CA LEU B 142 -1.48 -44.87 1.37
C LEU B 142 -1.94 -45.78 0.25
N GLY B 143 -3.00 -46.55 0.47
CA GLY B 143 -3.43 -47.52 -0.52
C GLY B 143 -2.32 -48.52 -0.77
N LYS B 144 -2.08 -48.79 -2.06
CA LYS B 144 -1.03 -49.71 -2.49
C LYS B 144 0.26 -49.00 -2.86
N ARG B 145 0.35 -47.69 -2.65
CA ARG B 145 1.58 -46.95 -2.90
C ARG B 145 2.70 -47.46 -2.00
N PRO B 146 3.94 -47.45 -2.48
CA PRO B 146 5.06 -47.82 -1.59
C PRO B 146 5.38 -46.74 -0.58
N TRP B 147 5.16 -45.47 -0.95
CA TRP B 147 5.48 -44.33 -0.10
C TRP B 147 4.30 -43.37 -0.10
N PHE B 148 4.30 -42.44 0.84
CA PHE B 148 3.06 -41.72 1.04
C PHE B 148 2.76 -40.70 -0.03
N ALA B 149 3.78 -40.16 -0.71
CA ALA B 149 3.52 -39.22 -1.79
C ALA B 149 3.32 -39.90 -3.14
N GLY B 150 3.59 -41.20 -3.22
CA GLY B 150 3.53 -41.90 -4.50
C GLY B 150 4.61 -42.95 -4.64
N ASN B 151 5.27 -42.97 -5.79
CA ASN B 151 6.23 -44.01 -6.09
C ASN B 151 7.60 -43.78 -5.47
N LYS B 152 7.86 -42.60 -4.93
CA LYS B 152 9.17 -42.21 -4.42
C LYS B 152 9.08 -41.76 -2.97
N ILE B 153 10.07 -42.14 -2.17
CA ILE B 153 10.13 -41.70 -0.79
C ILE B 153 10.37 -40.19 -0.74
N THR B 154 9.70 -39.52 0.20
CA THR B 154 9.88 -38.10 0.46
C THR B 154 10.03 -37.92 1.96
N PHE B 155 10.34 -36.68 2.38
CA PHE B 155 10.52 -36.45 3.80
C PHE B 155 9.25 -36.71 4.62
N VAL B 156 8.06 -36.66 4.01
CA VAL B 156 6.87 -36.89 4.83
C VAL B 156 6.74 -38.36 5.21
N ASP B 157 7.41 -39.28 4.52
CA ASP B 157 7.41 -40.66 4.99
C ASP B 157 8.07 -40.76 6.35
N PHE B 158 9.01 -39.85 6.64
CA PHE B 158 9.69 -39.88 7.94
C PHE B 158 8.76 -39.38 9.03
N LEU B 159 7.96 -38.35 8.70
CA LEU B 159 6.96 -37.83 9.62
C LEU B 159 5.86 -38.86 9.88
N VAL B 160 5.36 -39.53 8.84
CA VAL B 160 4.31 -40.53 9.03
C VAL B 160 4.86 -41.72 9.80
N TYR B 161 6.07 -42.16 9.46
CA TYR B 161 6.69 -43.25 10.22
C TYR B 161 6.74 -42.91 11.70
N ASP B 162 7.14 -41.68 12.04
CA ASP B 162 7.21 -41.34 13.47
C ASP B 162 5.84 -41.41 14.12
N VAL B 163 4.80 -40.90 13.45
CA VAL B 163 3.46 -40.89 14.01
C VAL B 163 2.95 -42.30 14.23
N LEU B 164 3.19 -43.19 13.26
CA LEU B 164 2.71 -44.56 13.40
C LEU B 164 3.49 -45.31 14.47
N ASP B 165 4.81 -45.11 14.51
CA ASP B 165 5.62 -45.79 15.50
C ASP B 165 5.26 -45.34 16.91
N LEU B 166 5.04 -44.03 17.10
CA LEU B 166 4.60 -43.55 18.41
C LEU B 166 3.34 -44.26 18.87
N HIS B 167 2.39 -44.45 17.96
CA HIS B 167 1.16 -45.13 18.37
C HIS B 167 1.36 -46.64 18.52
N ARG B 168 2.32 -47.22 17.82
CA ARG B 168 2.71 -48.60 18.11
C ARG B 168 3.17 -48.74 19.56
N ILE B 169 3.98 -47.80 20.03
CA ILE B 169 4.44 -47.83 21.42
C ILE B 169 3.28 -47.53 22.37
N PHE B 170 2.43 -46.56 22.01
CA PHE B 170 1.34 -46.14 22.87
C PHE B 170 0.28 -47.23 23.01
N GLU B 171 0.01 -47.94 21.92
CA GLU B 171 -0.96 -49.02 21.86
C GLU B 171 -0.42 -50.07 20.89
N PRO B 172 0.02 -51.23 21.40
CA PRO B 172 0.84 -52.13 20.57
C PRO B 172 0.13 -52.74 19.38
N LYS B 173 -1.18 -53.00 19.46
CA LYS B 173 -1.86 -53.67 18.35
C LYS B 173 -2.65 -52.71 17.47
N CYS B 174 -2.40 -51.40 17.57
CA CYS B 174 -3.25 -50.47 16.84
C CYS B 174 -3.08 -50.56 15.33
N LEU B 175 -2.02 -51.20 14.84
CA LEU B 175 -1.84 -51.33 13.40
C LEU B 175 -2.21 -52.72 12.87
N ASP B 176 -2.72 -53.60 13.73
CA ASP B 176 -3.05 -54.97 13.30
C ASP B 176 -4.07 -54.96 12.16
N ALA B 177 -5.07 -54.08 12.24
CA ALA B 177 -6.13 -54.01 11.23
C ALA B 177 -5.68 -53.33 9.96
N PHE B 178 -4.44 -52.86 9.86
CA PHE B 178 -3.97 -52.11 8.70
C PHE B 178 -2.67 -52.69 8.18
N PRO B 179 -2.74 -53.85 7.51
CA PRO B 179 -1.51 -54.46 6.97
C PRO B 179 -0.67 -53.53 6.12
N ASN B 180 -1.27 -52.60 5.37
CA ASN B 180 -0.43 -51.77 4.52
C ASN B 180 0.35 -50.75 5.35
N LEU B 181 -0.13 -50.38 6.53
CA LEU B 181 0.70 -49.55 7.41
C LEU B 181 1.83 -50.36 8.04
N LYS B 182 1.57 -51.62 8.40
CA LYS B 182 2.63 -52.48 8.90
C LYS B 182 3.70 -52.72 7.83
N ASP B 183 3.29 -52.94 6.58
CA ASP B 183 4.29 -53.13 5.54
C ASP B 183 5.05 -51.82 5.26
N PHE B 184 4.41 -50.67 5.44
CA PHE B 184 5.11 -49.41 5.27
C PHE B 184 6.19 -49.24 6.34
N ILE B 185 5.87 -49.55 7.60
CA ILE B 185 6.89 -49.52 8.65
C ILE B 185 8.06 -50.43 8.28
N SER B 186 7.76 -51.63 7.78
CA SER B 186 8.80 -52.58 7.42
C SER B 186 9.66 -52.06 6.27
N ARG B 187 9.02 -51.38 5.32
CA ARG B 187 9.72 -50.77 4.18
C ARG B 187 10.62 -49.63 4.65
N PHE B 188 10.12 -48.79 5.55
CA PHE B 188 10.92 -47.69 6.07
C PHE B 188 12.11 -48.22 6.87
N GLU B 189 11.87 -49.16 7.78
CA GLU B 189 12.96 -49.67 8.58
C GLU B 189 13.91 -50.55 7.77
N GLY B 190 13.44 -51.06 6.63
CA GLY B 190 14.26 -51.86 5.72
C GLY B 190 15.16 -51.05 4.82
N LEU B 191 15.03 -49.73 4.82
CA LEU B 191 16.01 -48.91 4.10
C LEU B 191 17.38 -49.15 4.70
N GLU B 192 18.38 -49.33 3.82
CA GLU B 192 19.71 -49.73 4.28
C GLU B 192 20.26 -48.75 5.31
N LYS B 193 20.20 -47.45 5.02
CA LYS B 193 20.74 -46.47 5.94
C LYS B 193 19.92 -46.36 7.21
N ILE B 194 18.61 -46.62 7.15
CA ILE B 194 17.79 -46.59 8.36
C ILE B 194 18.10 -47.82 9.21
N SER B 195 18.16 -48.99 8.59
CA SER B 195 18.46 -50.22 9.33
C SER B 195 19.79 -50.11 10.06
N ALA B 196 20.81 -49.56 9.41
CA ALA B 196 22.11 -49.45 10.07
C ALA B 196 22.07 -48.47 11.23
N TYR B 197 21.33 -47.37 11.07
CA TYR B 197 21.23 -46.38 12.14
C TYR B 197 20.53 -46.95 13.36
N MET B 198 19.44 -47.69 13.16
CA MET B 198 18.69 -48.23 14.29
C MET B 198 19.49 -49.23 15.11
N LYS B 199 20.59 -49.74 14.55
CA LYS B 199 21.45 -50.68 15.27
C LYS B 199 22.63 -50.01 15.97
N SER B 200 22.85 -48.72 15.72
CA SER B 200 24.01 -47.99 16.22
C SER B 200 23.73 -47.37 17.58
N SER B 201 24.80 -46.92 18.24
CA SER B 201 24.70 -46.27 19.55
C SER B 201 23.99 -44.93 19.50
N ARG B 202 23.80 -44.34 18.31
CA ARG B 202 23.15 -43.04 18.18
C ARG B 202 21.63 -43.10 18.23
N PHE B 203 21.05 -44.29 18.04
CA PHE B 203 19.59 -44.39 17.98
C PHE B 203 19.00 -44.08 19.34
N LEU B 204 17.99 -43.19 19.35
CA LEU B 204 17.39 -42.70 20.59
C LEU B 204 15.87 -42.74 20.47
N PRO B 205 15.28 -43.94 20.51
CA PRO B 205 13.83 -44.04 20.37
C PRO B 205 13.06 -43.67 21.62
N ARG B 206 13.73 -43.54 22.76
CA ARG B 206 13.08 -43.24 24.02
C ARG B 206 14.00 -42.39 24.86
N PRO B 207 13.46 -41.54 25.77
CA PRO B 207 12.04 -41.37 26.08
C PRO B 207 11.29 -40.67 24.95
N VAL B 208 9.99 -40.96 24.83
CA VAL B 208 9.19 -40.38 23.76
C VAL B 208 9.05 -38.88 23.94
N PHE B 209 8.75 -38.46 25.16
CA PHE B 209 8.46 -37.07 25.47
C PHE B 209 9.44 -36.55 26.52
N SER B 210 9.24 -35.30 26.93
CA SER B 210 10.12 -34.70 27.93
C SER B 210 9.74 -35.15 29.34
N LYS B 211 10.60 -34.79 30.29
CA LYS B 211 10.41 -35.22 31.68
C LYS B 211 9.12 -34.70 32.30
N MET B 212 8.51 -33.67 31.72
CA MET B 212 7.25 -33.13 32.20
C MET B 212 6.04 -33.97 31.79
N ALA B 213 6.19 -34.90 30.86
CA ALA B 213 5.03 -35.65 30.40
C ALA B 213 4.56 -36.63 31.46
N VAL B 214 3.25 -36.90 31.43
CA VAL B 214 2.70 -37.94 32.29
C VAL B 214 2.98 -39.32 31.70
N TRP B 215 2.84 -39.45 30.39
CA TRP B 215 3.15 -40.67 29.66
C TRP B 215 4.28 -40.40 28.69
N GLY B 216 5.23 -41.33 28.62
CA GLY B 216 6.38 -41.18 27.75
C GLY B 216 7.49 -40.33 28.30
N ASN B 217 7.46 -40.02 29.60
CA ASN B 217 8.53 -39.26 30.20
C ASN B 217 9.78 -40.09 30.46
N LYS B 218 9.67 -41.42 30.47
CA LYS B 218 10.84 -42.27 30.64
C LYS B 218 10.94 -43.28 29.50
N MET C 1 -13.97 -23.46 -14.57
CA MET C 1 -14.57 -23.86 -13.31
C MET C 1 -13.96 -23.08 -12.14
N PRO C 2 -14.80 -22.40 -11.38
CA PRO C 2 -14.32 -21.79 -10.14
C PRO C 2 -13.93 -22.87 -9.13
N MET C 3 -12.91 -22.55 -8.36
CA MET C 3 -12.61 -23.38 -7.19
C MET C 3 -13.70 -23.19 -6.14
N ILE C 4 -13.80 -24.15 -5.22
CA ILE C 4 -14.73 -24.07 -4.09
C ILE C 4 -13.88 -24.04 -2.84
N LEU C 5 -14.01 -22.97 -2.06
CA LEU C 5 -13.42 -22.90 -0.74
C LEU C 5 -14.51 -23.22 0.27
N GLY C 6 -14.33 -24.28 1.06
CA GLY C 6 -15.30 -24.69 2.06
C GLY C 6 -14.80 -24.35 3.46
N TYR C 7 -15.67 -23.71 4.24
CA TYR C 7 -15.32 -23.32 5.59
C TYR C 7 -16.58 -22.91 6.33
N TRP C 8 -16.46 -22.84 7.66
CA TRP C 8 -17.49 -22.21 8.47
C TRP C 8 -17.67 -20.75 8.03
N ASP C 9 -18.80 -20.15 8.41
CA ASP C 9 -19.12 -18.79 7.98
C ASP C 9 -18.47 -17.74 8.91
N ILE C 10 -17.15 -17.81 8.97
CA ILE C 10 -16.35 -17.02 9.90
C ILE C 10 -15.03 -16.64 9.23
N ARG C 11 -14.26 -15.80 9.90
CA ARG C 11 -12.93 -15.43 9.44
C ARG C 11 -12.01 -16.62 9.60
N GLY C 12 -11.57 -16.88 10.84
CA GLY C 12 -10.89 -18.12 11.17
C GLY C 12 -9.70 -18.43 10.29
N LEU C 13 -9.57 -19.69 9.93
CA LEU C 13 -8.40 -20.17 9.21
C LEU C 13 -8.48 -19.90 7.71
N ALA C 14 -9.58 -19.32 7.25
CA ALA C 14 -9.76 -19.07 5.82
C ALA C 14 -9.37 -17.65 5.41
N HIS C 15 -9.06 -16.75 6.36
CA HIS C 15 -8.81 -15.36 6.01
C HIS C 15 -7.62 -15.22 5.05
N ALA C 16 -6.48 -15.83 5.39
CA ALA C 16 -5.30 -15.73 4.54
C ALA C 16 -5.56 -16.34 3.17
N ILE C 17 -6.34 -17.43 3.14
CA ILE C 17 -6.68 -18.10 1.88
C ILE C 17 -7.52 -17.18 1.00
N ARG C 18 -8.59 -16.62 1.57
CA ARG C 18 -9.43 -15.70 0.79
C ARG C 18 -8.61 -14.54 0.26
N LEU C 19 -7.74 -13.96 1.10
CA LEU C 19 -6.90 -12.85 0.67
C LEU C 19 -6.00 -13.27 -0.50
N LEU C 20 -5.40 -14.46 -0.42
CA LEU C 20 -4.51 -14.92 -1.48
C LEU C 20 -5.29 -15.22 -2.76
N LEU C 21 -6.47 -15.85 -2.63
CA LEU C 21 -7.30 -16.08 -3.81
C LEU C 21 -7.63 -14.77 -4.50
N GLU C 22 -7.92 -13.73 -3.71
CA GLU C 22 -8.27 -12.44 -4.30
C GLU C 22 -7.06 -11.77 -4.93
N TYR C 23 -5.92 -11.78 -4.25
CA TYR C 23 -4.72 -11.15 -4.79
C TYR C 23 -4.32 -11.78 -6.12
N THR C 24 -4.51 -13.09 -6.25
CA THR C 24 -4.08 -13.82 -7.43
C THR C 24 -5.13 -13.82 -8.53
N ASP C 25 -6.25 -13.12 -8.34
CA ASP C 25 -7.33 -13.07 -9.32
C ASP C 25 -7.90 -14.47 -9.59
N SER C 26 -7.90 -15.32 -8.58
CA SER C 26 -8.45 -16.66 -8.71
C SER C 26 -9.96 -16.62 -8.86
N SER C 27 -10.49 -17.53 -9.68
CA SER C 27 -11.92 -17.73 -9.77
C SER C 27 -12.34 -18.77 -8.74
N TYR C 28 -13.19 -18.36 -7.79
CA TYR C 28 -13.60 -19.26 -6.72
C TYR C 28 -14.98 -18.87 -6.20
N GLU C 29 -15.64 -19.85 -5.59
CA GLU C 29 -16.88 -19.68 -4.84
C GLU C 29 -16.67 -20.28 -3.47
N GLU C 30 -17.45 -19.82 -2.50
CA GLU C 30 -17.34 -20.34 -1.15
C GLU C 30 -18.55 -21.21 -0.82
N LYS C 31 -18.29 -22.38 -0.27
CA LYS C 31 -19.31 -23.22 0.35
C LYS C 31 -19.23 -22.91 1.84
N LYS C 32 -20.28 -22.27 2.36
CA LYS C 32 -20.30 -21.77 3.72
C LYS C 32 -21.10 -22.74 4.58
N TYR C 33 -20.47 -23.25 5.63
CA TYR C 33 -21.21 -24.06 6.61
C TYR C 33 -21.53 -23.19 7.82
N THR C 34 -22.74 -23.34 8.35
CA THR C 34 -23.19 -22.57 9.51
C THR C 34 -23.23 -23.49 10.72
N MET C 35 -22.41 -23.18 11.71
CA MET C 35 -22.44 -23.86 13.00
C MET C 35 -23.63 -23.42 13.83
N GLY C 36 -24.22 -24.38 14.55
CA GLY C 36 -25.32 -24.07 15.43
C GLY C 36 -24.85 -23.37 16.70
N ASP C 37 -25.83 -22.80 17.41
CA ASP C 37 -25.55 -22.04 18.61
C ASP C 37 -25.17 -22.93 19.79
N ALA C 38 -24.59 -22.31 20.80
CA ALA C 38 -24.39 -22.96 22.09
C ALA C 38 -25.74 -23.41 22.65
N PRO C 39 -25.76 -24.50 23.44
CA PRO C 39 -24.60 -25.28 23.91
C PRO C 39 -24.13 -26.40 22.99
N ASP C 40 -24.95 -26.82 22.03
CA ASP C 40 -24.62 -27.98 21.22
C ASP C 40 -23.67 -27.67 20.07
N TYR C 41 -23.64 -26.44 19.58
CA TYR C 41 -22.76 -26.05 18.47
C TYR C 41 -22.89 -27.04 17.32
N ASP C 42 -24.13 -27.26 16.89
CA ASP C 42 -24.41 -28.32 15.93
C ASP C 42 -23.60 -28.17 14.65
N ARG C 43 -22.97 -29.27 14.24
CA ARG C 43 -22.10 -29.27 13.07
C ARG C 43 -22.68 -30.08 11.91
N SER C 44 -24.00 -30.34 11.94
CA SER C 44 -24.58 -31.27 10.97
C SER C 44 -24.47 -30.78 9.53
N GLN C 45 -24.53 -29.46 9.29
CA GLN C 45 -24.36 -28.97 7.93
C GLN C 45 -23.08 -29.51 7.30
N TRP C 46 -22.00 -29.57 8.10
CA TRP C 46 -20.72 -30.10 7.66
C TRP C 46 -20.69 -31.62 7.75
N LEU C 47 -21.11 -32.17 8.90
CA LEU C 47 -21.02 -33.61 9.10
C LEU C 47 -21.79 -34.38 8.05
N ASN C 48 -22.92 -33.86 7.57
CA ASN C 48 -23.72 -34.58 6.57
C ASN C 48 -22.98 -34.79 5.27
N GLU C 49 -21.90 -34.03 5.05
CA GLU C 49 -21.18 -33.92 3.79
C GLU C 49 -19.70 -34.23 3.92
N LYS C 50 -19.18 -34.28 5.15
CA LYS C 50 -17.75 -34.30 5.41
C LYS C 50 -17.02 -35.42 4.67
N PHE C 51 -17.65 -36.59 4.58
CA PHE C 51 -17.01 -37.75 4.00
C PHE C 51 -17.46 -38.00 2.57
N LYS C 52 -18.13 -37.04 1.95
CA LYS C 52 -18.69 -37.21 0.61
C LYS C 52 -18.05 -36.29 -0.42
N LEU C 53 -16.89 -35.70 -0.11
CA LEU C 53 -16.29 -34.68 -0.97
C LEU C 53 -14.94 -35.09 -1.57
N GLY C 54 -14.50 -36.32 -1.37
CA GLY C 54 -13.22 -36.74 -1.93
C GLY C 54 -12.00 -36.29 -1.16
N LEU C 55 -12.18 -35.77 0.04
CA LEU C 55 -11.05 -35.31 0.84
C LEU C 55 -10.35 -36.49 1.49
N ASP C 56 -9.02 -36.44 1.53
CA ASP C 56 -8.25 -37.54 2.11
C ASP C 56 -8.36 -37.55 3.64
N PHE C 57 -8.19 -36.39 4.27
CA PHE C 57 -8.32 -36.20 5.72
C PHE C 57 -9.35 -35.10 5.92
N PRO C 58 -10.65 -35.45 5.85
CA PRO C 58 -11.70 -34.42 5.81
C PRO C 58 -11.59 -33.45 6.98
N ASN C 59 -11.71 -32.17 6.65
CA ASN C 59 -11.38 -31.09 7.56
C ASN C 59 -11.84 -29.79 6.90
N LEU C 60 -11.99 -28.76 7.72
CA LEU C 60 -12.29 -27.42 7.27
C LEU C 60 -11.12 -26.52 7.65
N PRO C 61 -10.63 -25.67 6.75
CA PRO C 61 -11.15 -25.44 5.40
C PRO C 61 -10.72 -26.51 4.42
N TYR C 62 -11.39 -26.55 3.28
CA TYR C 62 -10.95 -27.37 2.18
C TYR C 62 -11.02 -26.56 0.89
N LEU C 63 -10.24 -27.00 -0.10
CA LEU C 63 -10.27 -26.39 -1.43
C LEU C 63 -10.49 -27.50 -2.44
N ILE C 64 -11.43 -27.31 -3.36
CA ILE C 64 -11.64 -28.28 -4.43
C ILE C 64 -11.32 -27.56 -5.74
N ASP C 65 -10.35 -28.05 -6.48
CA ASP C 65 -9.96 -27.43 -7.75
C ASP C 65 -9.92 -28.55 -8.77
N GLY C 66 -11.05 -28.80 -9.41
CA GLY C 66 -11.13 -29.93 -10.32
C GLY C 66 -10.84 -31.22 -9.58
N ALA C 67 -9.84 -31.95 -10.09
CA ALA C 67 -9.45 -33.22 -9.47
C ALA C 67 -8.66 -33.05 -8.18
N HIS C 68 -8.13 -31.84 -7.90
CA HIS C 68 -7.35 -31.60 -6.69
C HIS C 68 -8.28 -31.24 -5.54
N LYS C 69 -8.26 -32.02 -4.47
CA LYS C 69 -9.10 -31.78 -3.31
C LYS C 69 -8.17 -31.72 -2.11
N ILE C 70 -8.11 -30.57 -1.45
CA ILE C 70 -7.03 -30.26 -0.52
C ILE C 70 -7.62 -29.86 0.81
N THR C 71 -7.06 -30.39 1.89
CA THR C 71 -7.27 -29.86 3.23
C THR C 71 -5.94 -29.38 3.79
N GLN C 72 -6.03 -28.82 5.01
CA GLN C 72 -4.98 -28.14 5.76
C GLN C 72 -4.75 -26.74 5.21
N SER C 73 -4.96 -25.69 6.02
CA SER C 73 -4.92 -24.35 5.45
C SER C 73 -3.56 -24.04 4.82
N ASN C 74 -2.46 -24.48 5.42
CA ASN C 74 -1.16 -24.20 4.82
C ASN C 74 -0.96 -24.91 3.49
N ALA C 75 -1.53 -26.11 3.35
CA ALA C 75 -1.41 -26.84 2.09
C ALA C 75 -2.26 -26.20 1.00
N ILE C 76 -3.43 -25.67 1.36
CA ILE C 76 -4.24 -24.92 0.42
C ILE C 76 -3.47 -23.68 -0.05
N LEU C 77 -2.86 -22.97 0.90
CA LEU C 77 -2.11 -21.77 0.56
C LEU C 77 -0.95 -22.10 -0.35
N CYS C 78 -0.19 -23.17 -0.06
CA CYS C 78 0.92 -23.53 -0.93
C CYS C 78 0.45 -23.93 -2.32
N TYR C 79 -0.72 -24.59 -2.41
CA TYR C 79 -1.23 -25.00 -3.72
C TYR C 79 -1.54 -23.78 -4.58
N ILE C 80 -2.22 -22.78 -4.00
CA ILE C 80 -2.50 -21.56 -4.75
C ILE C 80 -1.21 -20.81 -5.07
N ALA C 81 -0.31 -20.71 -4.10
CA ALA C 81 0.91 -19.90 -4.27
C ALA C 81 1.78 -20.46 -5.39
N ARG C 82 1.82 -21.79 -5.51
CA ARG C 82 2.65 -22.41 -6.55
C ARG C 82 2.17 -22.02 -7.95
N LYS C 83 0.87 -21.82 -8.13
CA LYS C 83 0.36 -21.44 -9.45
C LYS C 83 0.86 -20.08 -9.88
N HIS C 84 1.35 -19.25 -8.94
CA HIS C 84 1.64 -17.85 -9.20
C HIS C 84 3.05 -17.48 -8.73
N ASN C 85 3.93 -18.47 -8.52
CA ASN C 85 5.32 -18.25 -8.11
C ASN C 85 5.38 -17.37 -6.85
N LEU C 86 4.58 -17.75 -5.86
CA LEU C 86 4.53 -17.02 -4.60
C LEU C 86 5.09 -17.83 -3.43
N CYS C 87 6.07 -18.72 -3.66
CA CYS C 87 6.63 -19.58 -2.63
C CYS C 87 8.09 -19.31 -2.32
N GLY C 88 8.70 -18.31 -2.93
CA GLY C 88 10.11 -18.07 -2.72
C GLY C 88 10.91 -18.73 -3.82
N GLU C 89 11.98 -18.07 -4.25
CA GLU C 89 12.77 -18.54 -5.37
C GLU C 89 14.15 -19.03 -4.95
N THR C 90 14.92 -18.19 -4.27
CA THR C 90 16.23 -18.62 -3.79
C THR C 90 16.07 -19.56 -2.61
N GLU C 91 17.14 -20.31 -2.32
CA GLU C 91 17.13 -21.16 -1.13
C GLU C 91 16.86 -20.33 0.12
N GLU C 92 17.51 -19.17 0.24
CA GLU C 92 17.35 -18.36 1.44
C GLU C 92 15.90 -17.89 1.59
N GLU C 93 15.26 -17.54 0.47
CA GLU C 93 13.85 -17.19 0.48
C GLU C 93 12.97 -18.36 0.92
N LYS C 94 13.27 -19.57 0.42
CA LYS C 94 12.46 -20.73 0.77
C LYS C 94 12.58 -21.05 2.26
N ILE C 95 13.76 -20.83 2.85
CA ILE C 95 13.92 -21.08 4.28
C ILE C 95 13.04 -20.13 5.07
N ARG C 96 13.06 -18.84 4.70
CA ARG C 96 12.22 -17.87 5.40
C ARG C 96 10.75 -18.23 5.28
N VAL C 97 10.32 -18.65 4.08
CA VAL C 97 8.92 -19.04 3.87
C VAL C 97 8.56 -20.24 4.74
N ASP C 98 9.41 -21.25 4.75
CA ASP C 98 9.14 -22.45 5.54
C ASP C 98 9.07 -22.14 7.03
N ILE C 99 10.00 -21.33 7.54
CA ILE C 99 9.96 -20.96 8.96
C ILE C 99 8.64 -20.25 9.27
N LEU C 100 8.31 -19.25 8.47
CA LEU C 100 7.11 -18.45 8.76
C LEU C 100 5.82 -19.24 8.57
N GLU C 101 5.77 -20.16 7.60
CA GLU C 101 4.56 -20.94 7.42
C GLU C 101 4.21 -21.67 8.70
N ASN C 102 5.22 -22.18 9.39
CA ASN C 102 5.01 -22.91 10.63
C ASN C 102 4.94 -22.01 11.85
N GLN C 103 5.71 -20.91 11.85
CA GLN C 103 5.70 -19.98 12.98
C GLN C 103 4.35 -19.27 13.10
N THR C 104 3.79 -18.82 11.97
CA THR C 104 2.50 -18.13 12.03
C THR C 104 1.42 -19.07 12.54
N MET C 105 1.46 -20.36 12.12
CA MET C 105 0.50 -21.32 12.62
C MET C 105 0.63 -21.48 14.12
N ASP C 106 1.86 -21.51 14.63
CA ASP C 106 2.07 -21.66 16.07
C ASP C 106 1.46 -20.49 16.81
N ASN C 107 1.74 -19.27 16.34
CA ASN C 107 1.22 -18.10 17.02
C ASN C 107 -0.30 -18.01 16.87
N HIS C 108 -0.84 -18.40 15.70
CA HIS C 108 -2.28 -18.38 15.54
C HIS C 108 -2.93 -19.33 16.54
N MET C 109 -2.38 -20.54 16.67
CA MET C 109 -2.95 -21.52 17.59
C MET C 109 -2.81 -21.08 19.03
N GLN C 110 -1.74 -20.34 19.36
CA GLN C 110 -1.60 -19.87 20.74
C GLN C 110 -2.70 -18.88 21.10
N LEU C 111 -3.01 -17.98 20.16
CA LEU C 111 -4.15 -17.11 20.36
C LEU C 111 -5.45 -17.91 20.45
N GLY C 112 -5.60 -18.93 19.60
CA GLY C 112 -6.80 -19.74 19.64
C GLY C 112 -6.97 -20.46 20.97
N MET C 113 -5.87 -21.00 21.51
CA MET C 113 -5.99 -21.79 22.73
C MET C 113 -6.53 -20.94 23.88
N ILE C 114 -6.09 -19.69 23.99
CA ILE C 114 -6.62 -18.81 25.03
C ILE C 114 -8.06 -18.42 24.73
N CYS C 115 -8.35 -18.06 23.49
CA CYS C 115 -9.66 -17.52 23.14
C CYS C 115 -10.74 -18.59 23.16
N TYR C 116 -10.37 -19.87 23.10
CA TYR C 116 -11.31 -20.98 23.24
C TYR C 116 -11.34 -21.56 24.66
N ASN C 117 -10.53 -21.08 25.54
CA ASN C 117 -10.42 -21.61 26.90
C ASN C 117 -11.48 -20.99 27.80
N PRO C 118 -12.25 -21.80 28.54
CA PRO C 118 -13.20 -21.20 29.49
C PRO C 118 -12.55 -20.25 30.48
N GLU C 119 -11.26 -20.44 30.80
CA GLU C 119 -10.55 -19.54 31.71
C GLU C 119 -9.85 -18.38 30.99
N PHE C 120 -10.32 -18.00 29.80
CA PHE C 120 -9.80 -16.86 29.05
C PHE C 120 -9.46 -15.65 29.91
N GLU C 121 -10.41 -15.19 30.74
CA GLU C 121 -10.19 -13.99 31.55
C GLU C 121 -9.01 -14.17 32.49
N LYS C 122 -8.85 -15.36 33.06
CA LYS C 122 -7.72 -15.62 33.94
C LYS C 122 -6.40 -15.67 33.17
N LEU C 123 -6.43 -16.17 31.93
CA LEU C 123 -5.21 -16.40 31.17
C LEU C 123 -4.75 -15.21 30.35
N LYS C 124 -5.65 -14.25 30.09
CA LYS C 124 -5.31 -13.16 29.19
C LYS C 124 -4.17 -12.28 29.70
N PRO C 125 -4.08 -11.92 30.98
CA PRO C 125 -2.97 -11.02 31.37
C PRO C 125 -1.60 -11.57 31.04
N LYS C 126 -1.34 -12.86 31.29
CA LYS C 126 -0.02 -13.41 30.97
C LYS C 126 0.18 -13.49 29.46
N TYR C 127 -0.87 -13.80 28.70
CA TYR C 127 -0.73 -13.75 27.24
C TYR C 127 -0.32 -12.35 26.80
N LEU C 128 -0.99 -11.32 27.34
CA LEU C 128 -0.66 -9.95 26.95
C LEU C 128 0.74 -9.55 27.42
N GLU C 129 1.17 -10.04 28.58
CA GLU C 129 2.52 -9.75 29.03
C GLU C 129 3.56 -10.31 28.07
N GLU C 130 3.28 -11.45 27.46
CA GLU C 130 4.22 -12.09 26.56
C GLU C 130 4.05 -11.68 25.10
N LEU C 131 3.00 -10.93 24.78
CA LEU C 131 2.74 -10.59 23.39
C LEU C 131 3.80 -9.68 22.76
N PRO C 132 4.35 -8.67 23.46
CA PRO C 132 5.31 -7.80 22.75
C PRO C 132 6.56 -8.54 22.30
N GLU C 133 7.02 -9.55 23.03
CA GLU C 133 8.19 -10.29 22.59
C GLU C 133 7.89 -11.07 21.30
N LYS C 134 6.68 -11.63 21.19
CA LYS C 134 6.28 -12.33 19.98
C LYS C 134 6.33 -11.40 18.78
N LEU C 135 5.77 -10.20 18.93
CA LEU C 135 5.71 -9.26 17.82
C LEU C 135 7.09 -8.72 17.48
N LYS C 136 7.92 -8.51 18.51
CA LYS C 136 9.28 -8.08 18.28
C LYS C 136 10.02 -9.05 17.38
N LEU C 137 9.78 -10.36 17.55
CA LEU C 137 10.43 -11.33 16.68
C LEU C 137 10.03 -11.14 15.23
N TYR C 138 8.74 -10.87 14.96
CA TYR C 138 8.35 -10.59 13.57
C TYR C 138 8.98 -9.29 13.08
N SER C 139 9.02 -8.27 13.95
CA SER C 139 9.59 -7.00 13.54
C SER C 139 11.06 -7.16 13.18
N GLU C 140 11.82 -7.90 13.99
CA GLU C 140 13.25 -8.04 13.73
C GLU C 140 13.49 -8.94 12.53
N PHE C 141 12.60 -9.90 12.29
CA PHE C 141 12.74 -10.78 11.13
C PHE C 141 12.51 -10.00 9.84
N LEU C 142 11.52 -9.12 9.83
CA LEU C 142 11.27 -8.29 8.66
C LEU C 142 12.40 -7.29 8.43
N GLY C 143 12.83 -6.62 9.49
CA GLY C 143 13.83 -5.57 9.30
C GLY C 143 13.33 -4.53 8.33
N LYS C 144 14.22 -4.09 7.43
CA LYS C 144 13.89 -3.09 6.43
C LYS C 144 13.39 -3.71 5.13
N ARG C 145 13.19 -5.02 5.11
CA ARG C 145 12.65 -5.67 3.93
C ARG C 145 11.22 -5.20 3.66
N PRO C 146 10.82 -5.11 2.38
CA PRO C 146 9.41 -4.78 2.11
C PRO C 146 8.47 -5.94 2.39
N TRP C 147 8.94 -7.18 2.22
CA TRP C 147 8.11 -8.36 2.41
C TRP C 147 8.92 -9.39 3.20
N PHE C 148 8.22 -10.37 3.76
CA PHE C 148 8.87 -11.19 4.78
C PHE C 148 9.88 -12.16 4.21
N ALA C 149 9.74 -12.59 2.97
CA ALA C 149 10.74 -13.48 2.40
C ALA C 149 11.90 -12.74 1.74
N GLY C 150 11.78 -11.44 1.52
CA GLY C 150 12.76 -10.69 0.77
C GLY C 150 12.07 -9.60 -0.04
N ASN C 151 12.61 -9.33 -1.23
CA ASN C 151 12.11 -8.23 -2.07
C ASN C 151 10.75 -8.51 -2.69
N LYS C 152 10.29 -9.75 -2.73
CA LYS C 152 9.05 -10.06 -3.42
C LYS C 152 8.02 -10.64 -2.46
N ILE C 153 6.75 -10.29 -2.67
CA ILE C 153 5.71 -10.86 -1.85
CA ILE C 153 5.67 -10.86 -1.88
C ILE C 153 5.61 -12.36 -2.08
N THR C 154 5.27 -13.09 -1.02
CA THR C 154 5.02 -14.53 -1.09
C THR C 154 3.80 -14.85 -0.23
N PHE C 155 3.41 -16.13 -0.17
CA PHE C 155 2.17 -16.43 0.55
C PHE C 155 2.32 -16.21 2.05
N VAL C 156 3.54 -16.25 2.59
CA VAL C 156 3.66 -16.07 4.04
C VAL C 156 3.39 -14.63 4.45
N ASP C 157 3.49 -13.66 3.53
CA ASP C 157 3.02 -12.32 3.90
C ASP C 157 1.54 -12.33 4.26
N PHE C 158 0.76 -13.20 3.62
CA PHE C 158 -0.67 -13.28 3.91
C PHE C 158 -0.90 -13.88 5.29
N LEU C 159 -0.10 -14.88 5.63
CA LEU C 159 -0.17 -15.47 6.96
C LEU C 159 0.30 -14.50 8.04
N VAL C 160 1.40 -13.77 7.80
CA VAL C 160 1.86 -12.82 8.82
C VAL C 160 0.85 -11.70 8.98
N TYR C 161 0.34 -11.18 7.86
CA TYR C 161 -0.69 -10.15 7.94
C TYR C 161 -1.82 -10.60 8.86
N ASP C 162 -2.30 -11.85 8.67
CA ASP C 162 -3.43 -12.30 9.48
C ASP C 162 -3.06 -12.32 10.96
N VAL C 163 -1.89 -12.86 11.30
CA VAL C 163 -1.47 -12.92 12.70
C VAL C 163 -1.39 -11.53 13.31
N LEU C 164 -0.80 -10.59 12.58
CA LEU C 164 -0.67 -9.22 13.09
C LEU C 164 -2.03 -8.56 13.21
N ASP C 165 -2.90 -8.74 12.21
CA ASP C 165 -4.20 -8.08 12.25
C ASP C 165 -5.07 -8.64 13.38
N LEU C 166 -5.06 -9.96 13.57
CA LEU C 166 -5.79 -10.54 14.70
C LEU C 166 -5.35 -9.90 16.02
N HIS C 167 -4.04 -9.66 16.15
CA HIS C 167 -3.57 -9.12 17.42
C HIS C 167 -3.85 -7.64 17.55
N ARG C 168 -3.90 -6.88 16.46
CA ARG C 168 -4.35 -5.52 16.67
C ARG C 168 -5.85 -5.45 16.96
N ILE C 169 -6.63 -6.46 16.53
CA ILE C 169 -8.02 -6.57 16.98
C ILE C 169 -8.09 -6.93 18.46
N PHE C 170 -7.24 -7.86 18.88
CA PHE C 170 -7.24 -8.37 20.26
C PHE C 170 -6.70 -7.33 21.24
N GLU C 171 -5.69 -6.57 20.82
CA GLU C 171 -4.99 -5.62 21.69
C GLU C 171 -4.58 -4.42 20.83
N PRO C 172 -5.44 -3.40 20.72
CA PRO C 172 -5.26 -2.37 19.66
C PRO C 172 -3.94 -1.64 19.68
N LYS C 173 -3.25 -1.53 20.80
CA LYS C 173 -2.00 -0.78 20.82
C LYS C 173 -0.77 -1.63 20.52
N CYS C 174 -0.94 -2.92 20.21
CA CYS C 174 0.21 -3.81 20.28
C CYS C 174 1.25 -3.60 19.19
N LEU C 175 0.90 -2.95 18.08
CA LEU C 175 1.89 -2.70 17.05
C LEU C 175 2.54 -1.34 17.16
N ASP C 176 2.12 -0.49 18.10
CA ASP C 176 2.66 0.87 18.16
C ASP C 176 4.17 0.89 18.38
N ALA C 177 4.71 -0.05 19.14
CA ALA C 177 6.15 -0.16 19.36
C ALA C 177 6.93 -0.64 18.14
N PHE C 178 6.24 -1.08 17.08
CA PHE C 178 6.90 -1.72 15.94
C PHE C 178 6.49 -1.02 14.65
N PRO C 179 7.11 0.14 14.35
CA PRO C 179 6.74 0.87 13.13
C PRO C 179 6.85 0.05 11.87
N ASN C 180 7.85 -0.84 11.76
CA ASN C 180 7.97 -1.55 10.49
C ASN C 180 6.84 -2.56 10.31
N LEU C 181 6.23 -3.04 11.40
CA LEU C 181 5.07 -3.91 11.24
C LEU C 181 3.84 -3.11 10.83
N LYS C 182 3.67 -1.90 11.38
CA LYS C 182 2.58 -1.05 10.91
C LYS C 182 2.78 -0.69 9.44
N ASP C 183 4.02 -0.41 9.05
CA ASP C 183 4.31 -0.09 7.65
C ASP C 183 4.01 -1.28 6.75
N PHE C 184 4.33 -2.49 7.22
CA PHE C 184 4.01 -3.70 6.48
C PHE C 184 2.50 -3.84 6.28
N ILE C 185 1.73 -3.61 7.34
CA ILE C 185 0.27 -3.67 7.22
C ILE C 185 -0.21 -2.68 6.17
N SER C 186 0.31 -1.46 6.21
CA SER C 186 -0.09 -0.44 5.25
C SER C 186 0.18 -0.88 3.82
N ARG C 187 1.38 -1.44 3.58
CA ARG C 187 1.75 -1.89 2.26
C ARG C 187 0.85 -3.03 1.78
N PHE C 188 0.62 -4.02 2.65
CA PHE C 188 -0.23 -5.16 2.29
C PHE C 188 -1.64 -4.73 1.95
N GLU C 189 -2.25 -3.91 2.82
CA GLU C 189 -3.63 -3.48 2.57
C GLU C 189 -3.72 -2.55 1.37
N GLY C 190 -2.61 -1.94 0.98
CA GLY C 190 -2.57 -1.05 -0.18
C GLY C 190 -2.49 -1.72 -1.54
N LEU C 191 -2.16 -3.02 -1.58
CA LEU C 191 -2.14 -3.75 -2.85
C LEU C 191 -3.52 -3.69 -3.48
N GLU C 192 -3.56 -3.40 -4.78
CA GLU C 192 -4.80 -3.04 -5.46
C GLU C 192 -5.90 -4.09 -5.25
N LYS C 193 -5.58 -5.36 -5.48
CA LYS C 193 -6.60 -6.41 -5.36
C LYS C 193 -7.02 -6.62 -3.92
N ILE C 194 -6.10 -6.44 -2.97
CA ILE C 194 -6.47 -6.55 -1.56
C ILE C 194 -7.37 -5.39 -1.17
N SER C 195 -6.98 -4.19 -1.58
CA SER C 195 -7.77 -3.01 -1.27
C SER C 195 -9.19 -3.16 -1.80
N ALA C 196 -9.34 -3.63 -3.05
CA ALA C 196 -10.68 -3.77 -3.63
C ALA C 196 -11.51 -4.81 -2.88
N TYR C 197 -10.89 -5.94 -2.51
CA TYR C 197 -11.60 -6.98 -1.78
C TYR C 197 -12.06 -6.49 -0.41
N MET C 198 -11.18 -5.80 0.31
CA MET C 198 -11.52 -5.35 1.66
C MET C 198 -12.62 -4.32 1.65
N LYS C 199 -12.78 -3.59 0.54
CA LYS C 199 -13.88 -2.65 0.39
C LYS C 199 -15.13 -3.27 -0.17
N SER C 200 -15.08 -4.54 -0.54
CA SER C 200 -16.19 -5.22 -1.19
C SER C 200 -17.16 -5.81 -0.17
N SER C 201 -18.36 -6.16 -0.65
CA SER C 201 -19.33 -6.86 0.17
C SER C 201 -18.81 -8.22 0.62
N ARG C 202 -17.84 -8.80 -0.09
CA ARG C 202 -17.30 -10.12 0.21
C ARG C 202 -16.38 -10.14 1.42
N PHE C 203 -15.91 -8.99 1.89
CA PHE C 203 -14.97 -8.95 3.02
C PHE C 203 -15.68 -9.45 4.27
N LEU C 204 -15.06 -10.41 4.97
CA LEU C 204 -15.62 -11.03 6.16
C LEU C 204 -14.57 -11.04 7.27
N PRO C 205 -14.35 -9.90 7.93
CA PRO C 205 -13.32 -9.85 8.98
C PRO C 205 -13.76 -10.41 10.31
N ARG C 206 -15.06 -10.57 10.54
CA ARG C 206 -15.62 -11.08 11.79
C ARG C 206 -16.80 -11.98 11.48
N PRO C 207 -17.12 -12.94 12.36
CA PRO C 207 -16.44 -13.27 13.62
C PRO C 207 -15.03 -13.81 13.40
N VAL C 208 -14.13 -13.49 14.33
CA VAL C 208 -12.74 -13.94 14.22
C VAL C 208 -12.67 -15.46 14.31
N PHE C 209 -13.36 -16.04 15.28
CA PHE C 209 -13.32 -17.46 15.58
C PHE C 209 -14.72 -18.06 15.45
N SER C 210 -14.82 -19.35 15.77
CA SER C 210 -16.09 -20.05 15.65
C SER C 210 -16.97 -19.77 16.87
N LYS C 211 -18.21 -20.27 16.80
CA LYS C 211 -19.14 -20.01 17.88
C LYS C 211 -18.67 -20.57 19.21
N MET C 212 -17.81 -21.59 19.18
CA MET C 212 -17.36 -22.21 20.43
C MET C 212 -16.36 -21.36 21.19
N ALA C 213 -15.87 -20.25 20.61
CA ALA C 213 -14.88 -19.43 21.26
C ALA C 213 -15.47 -18.59 22.39
N VAL C 214 -14.64 -18.28 23.38
CA VAL C 214 -14.99 -17.37 24.46
C VAL C 214 -14.74 -15.92 24.06
N TRP C 215 -13.65 -15.67 23.33
CA TRP C 215 -13.38 -14.38 22.72
C TRP C 215 -13.39 -14.57 21.21
N GLY C 216 -14.02 -13.64 20.49
CA GLY C 216 -14.03 -13.69 19.05
C GLY C 216 -15.13 -14.52 18.43
N ASN C 217 -16.18 -14.86 19.18
CA ASN C 217 -17.27 -15.69 18.65
C ASN C 217 -18.34 -14.88 17.94
N LYS C 218 -18.35 -13.56 18.08
CA LYS C 218 -19.33 -12.72 17.41
C LYS C 218 -18.64 -11.57 16.67
N MET D 1 -28.98 32.38 1.27
CA MET D 1 -28.71 31.96 -0.10
C MET D 1 -27.51 32.62 -0.80
N PRO D 2 -27.34 33.93 -0.66
CA PRO D 2 -26.23 34.59 -1.35
C PRO D 2 -24.89 33.95 -0.99
N MET D 3 -24.08 33.69 -2.01
CA MET D 3 -22.73 33.19 -1.78
C MET D 3 -21.91 34.25 -1.04
N ILE D 4 -20.86 33.79 -0.36
CA ILE D 4 -19.92 34.69 0.29
C ILE D 4 -18.59 34.56 -0.43
N LEU D 5 -18.06 35.68 -0.93
CA LEU D 5 -16.72 35.77 -1.49
C LEU D 5 -15.84 36.48 -0.47
N GLY D 6 -14.84 35.78 0.05
CA GLY D 6 -13.91 36.35 1.03
C GLY D 6 -12.59 36.73 0.39
N TYR D 7 -12.13 37.94 0.69
CA TYR D 7 -10.86 38.41 0.14
C TYR D 7 -10.45 39.69 0.84
N TRP D 8 -9.19 40.07 0.65
CA TRP D 8 -8.75 41.40 1.04
C TRP D 8 -9.58 42.46 0.32
N ASP D 9 -9.58 43.66 0.88
CA ASP D 9 -10.33 44.75 0.29
C ASP D 9 -9.51 45.39 -0.83
N ILE D 10 -9.10 44.59 -1.79
CA ILE D 10 -8.34 45.02 -2.95
C ILE D 10 -8.88 44.28 -4.17
N ARG D 11 -8.35 44.63 -5.33
CA ARG D 11 -8.62 43.92 -6.57
C ARG D 11 -8.02 42.51 -6.52
N GLY D 12 -6.70 42.41 -6.63
CA GLY D 12 -5.98 41.17 -6.40
C GLY D 12 -6.50 39.99 -7.22
N LEU D 13 -6.49 38.83 -6.58
CA LEU D 13 -6.91 37.57 -7.20
C LEU D 13 -8.42 37.43 -7.28
N ALA D 14 -9.19 38.38 -6.75
CA ALA D 14 -10.64 38.25 -6.77
C ALA D 14 -11.29 38.95 -7.95
N HIS D 15 -10.52 39.69 -8.76
CA HIS D 15 -11.10 40.50 -9.83
C HIS D 15 -11.85 39.64 -10.84
N ALA D 16 -11.20 38.59 -11.34
CA ALA D 16 -11.88 37.75 -12.33
C ALA D 16 -13.09 37.04 -11.72
N ILE D 17 -13.01 36.68 -10.44
CA ILE D 17 -14.14 36.05 -9.78
C ILE D 17 -15.31 37.02 -9.67
N ARG D 18 -15.03 38.25 -9.23
CA ARG D 18 -16.10 39.26 -9.14
C ARG D 18 -16.75 39.48 -10.49
N LEU D 19 -15.95 39.57 -11.55
CA LEU D 19 -16.51 39.80 -12.88
C LEU D 19 -17.35 38.63 -13.35
N LEU D 20 -16.91 37.40 -13.07
CA LEU D 20 -17.69 36.23 -13.48
C LEU D 20 -18.98 36.14 -12.68
N LEU D 21 -18.93 36.41 -11.37
CA LEU D 21 -20.13 36.42 -10.56
C LEU D 21 -21.14 37.43 -11.08
N GLU D 22 -20.66 38.58 -11.52
CA GLU D 22 -21.55 39.61 -12.05
C GLU D 22 -22.06 39.22 -13.43
N TYR D 23 -21.20 38.61 -14.25
CA TYR D 23 -21.63 38.27 -15.60
C TYR D 23 -22.73 37.23 -15.57
N THR D 24 -22.68 36.32 -14.60
CA THR D 24 -23.63 35.22 -14.48
C THR D 24 -24.81 35.58 -13.59
N ASP D 25 -24.90 36.84 -13.15
CA ASP D 25 -26.01 37.32 -12.35
C ASP D 25 -26.14 36.52 -11.05
N SER D 26 -24.99 36.11 -10.51
CA SER D 26 -24.96 35.31 -9.29
C SER D 26 -25.26 36.19 -8.09
N SER D 27 -25.99 35.64 -7.12
CA SER D 27 -26.28 36.38 -5.89
C SER D 27 -25.16 36.12 -4.90
N TYR D 28 -24.46 37.18 -4.50
CA TYR D 28 -23.32 37.01 -3.59
C TYR D 28 -23.14 38.26 -2.75
N GLU D 29 -22.45 38.09 -1.63
CA GLU D 29 -21.99 39.19 -0.79
C GLU D 29 -20.51 38.96 -0.53
N GLU D 30 -19.82 40.02 -0.15
CA GLU D 30 -18.38 39.93 0.04
C GLU D 30 -18.06 40.03 1.52
N LYS D 31 -17.21 39.14 1.99
CA LYS D 31 -16.57 39.24 3.30
C LYS D 31 -15.20 39.85 3.07
N LYS D 32 -15.02 41.07 3.57
CA LYS D 32 -13.86 41.89 3.24
C LYS D 32 -12.90 41.92 4.42
N TYR D 33 -11.63 41.64 4.13
CA TYR D 33 -10.54 41.72 5.09
C TYR D 33 -9.69 42.94 4.78
N THR D 34 -9.28 43.66 5.81
CA THR D 34 -8.47 44.86 5.61
C THR D 34 -7.09 44.63 6.22
N MET D 35 -6.05 44.81 5.40
CA MET D 35 -4.69 44.75 5.89
C MET D 35 -4.33 46.06 6.58
N GLY D 36 -3.58 45.97 7.67
CA GLY D 36 -3.15 47.17 8.37
C GLY D 36 -2.15 47.98 7.56
N ASP D 37 -1.99 49.23 7.94
CA ASP D 37 -1.10 50.12 7.20
C ASP D 37 0.35 49.92 7.61
N ALA D 38 1.26 50.68 7.01
CA ALA D 38 2.67 50.58 7.30
C ALA D 38 2.95 51.02 8.75
N PRO D 39 4.05 50.55 9.36
CA PRO D 39 5.08 49.65 8.82
C PRO D 39 4.83 48.18 9.11
N ASP D 40 3.77 47.88 9.87
CA ASP D 40 3.51 46.52 10.31
C ASP D 40 2.74 45.70 9.28
N TYR D 41 1.79 46.32 8.58
CA TYR D 41 0.94 45.64 7.59
C TYR D 41 0.24 44.43 8.22
N ASP D 42 -0.47 44.69 9.32
CA ASP D 42 -1.12 43.61 10.07
C ASP D 42 -2.13 42.86 9.20
N ARG D 43 -2.06 41.53 9.27
CA ARG D 43 -3.00 40.65 8.58
C ARG D 43 -3.85 39.83 9.55
N SER D 44 -3.92 40.27 10.82
CA SER D 44 -4.54 39.47 11.87
C SER D 44 -5.98 39.09 11.57
N GLN D 45 -6.76 40.01 11.00
CA GLN D 45 -8.17 39.77 10.71
C GLN D 45 -8.33 38.50 9.89
N TRP D 46 -7.50 38.30 8.89
CA TRP D 46 -7.56 37.06 8.12
C TRP D 46 -6.88 35.92 8.86
N LEU D 47 -5.63 36.12 9.29
CA LEU D 47 -4.85 35.02 9.84
C LEU D 47 -5.52 34.39 11.05
N ASN D 48 -6.22 35.19 11.84
CA ASN D 48 -6.86 34.66 13.04
C ASN D 48 -8.23 34.06 12.79
N GLU D 49 -8.83 34.27 11.63
CA GLU D 49 -10.05 33.52 11.33
C GLU D 49 -9.84 32.56 10.17
N LYS D 50 -8.68 32.62 9.54
CA LYS D 50 -8.22 31.68 8.51
C LYS D 50 -8.59 30.24 8.83
N PHE D 51 -8.39 29.79 10.08
CA PHE D 51 -8.64 28.41 10.43
C PHE D 51 -10.01 28.19 11.10
N LYS D 52 -10.91 29.18 11.02
CA LYS D 52 -12.19 29.11 11.71
C LYS D 52 -13.38 29.09 10.76
N LEU D 53 -13.16 28.93 9.45
CA LEU D 53 -14.25 28.97 8.48
C LEU D 53 -14.55 27.63 7.83
N GLY D 54 -13.88 26.56 8.27
CA GLY D 54 -14.13 25.26 7.68
C GLY D 54 -13.55 25.06 6.30
N LEU D 55 -12.58 25.88 5.90
CA LEU D 55 -11.93 25.71 4.62
C LEU D 55 -10.93 24.55 4.71
N ASP D 56 -10.88 23.73 3.64
CA ASP D 56 -9.98 22.57 3.68
C ASP D 56 -8.52 22.99 3.57
N PHE D 57 -8.23 23.98 2.72
CA PHE D 57 -6.88 24.53 2.56
C PHE D 57 -7.01 26.05 2.67
N PRO D 58 -7.02 26.59 3.88
CA PRO D 58 -7.40 28.00 4.08
C PRO D 58 -6.50 28.93 3.29
N ASN D 59 -7.13 29.89 2.61
CA ASN D 59 -6.44 30.78 1.68
C ASN D 59 -7.44 31.85 1.24
N LEU D 60 -6.90 32.95 0.73
CA LEU D 60 -7.71 33.99 0.12
C LEU D 60 -7.44 34.06 -1.37
N PRO D 61 -8.48 34.15 -2.20
CA PRO D 61 -9.90 34.26 -1.94
C PRO D 61 -10.54 32.94 -1.57
N TYR D 62 -11.71 32.98 -0.95
CA TYR D 62 -12.51 31.78 -0.76
C TYR D 62 -13.94 32.08 -1.18
N LEU D 63 -14.67 31.02 -1.53
CA LEU D 63 -16.10 31.13 -1.85
C LEU D 63 -16.87 30.14 -0.99
N ILE D 64 -17.95 30.62 -0.37
CA ILE D 64 -18.87 29.80 0.41
C ILE D 64 -20.23 29.85 -0.27
N ASP D 65 -20.69 28.71 -0.78
CA ASP D 65 -22.00 28.61 -1.40
C ASP D 65 -22.73 27.41 -0.81
N GLY D 66 -23.52 27.66 0.22
CA GLY D 66 -24.15 26.55 0.94
C GLY D 66 -23.09 25.69 1.60
N ALA D 67 -23.15 24.39 1.33
CA ALA D 67 -22.18 23.46 1.89
C ALA D 67 -20.86 23.48 1.13
N HIS D 68 -20.81 24.10 -0.05
CA HIS D 68 -19.60 24.11 -0.86
C HIS D 68 -18.69 25.23 -0.37
N LYS D 69 -17.49 24.87 0.09
CA LYS D 69 -16.48 25.82 0.55
C LYS D 69 -15.26 25.63 -0.32
N ILE D 70 -14.92 26.63 -1.11
CA ILE D 70 -13.91 26.50 -2.15
C ILE D 70 -12.82 27.54 -1.94
N THR D 71 -11.58 27.10 -2.04
CA THR D 71 -10.44 27.98 -2.17
C THR D 71 -9.76 27.69 -3.50
N GLN D 72 -8.70 28.47 -3.77
CA GLN D 72 -7.95 28.52 -5.02
C GLN D 72 -8.78 29.24 -6.09
N SER D 73 -8.27 30.37 -6.56
CA SER D 73 -9.05 31.24 -7.44
C SER D 73 -9.54 30.48 -8.66
N ASN D 74 -8.71 29.60 -9.23
CA ASN D 74 -9.15 28.87 -10.42
C ASN D 74 -10.25 27.86 -10.08
N ALA D 75 -10.18 27.24 -8.89
CA ALA D 75 -11.26 26.32 -8.54
C ALA D 75 -12.57 27.07 -8.31
N ILE D 76 -12.49 28.28 -7.77
CA ILE D 76 -13.67 29.12 -7.58
C ILE D 76 -14.29 29.46 -8.93
N LEU D 77 -13.46 29.88 -9.88
CA LEU D 77 -13.98 30.23 -11.21
C LEU D 77 -14.64 29.02 -11.88
N CYS D 78 -13.96 27.86 -11.82
CA CYS D 78 -14.53 26.64 -12.39
C CYS D 78 -15.88 26.31 -11.78
N TYR D 79 -16.01 26.44 -10.46
CA TYR D 79 -17.27 26.14 -9.79
C TYR D 79 -18.40 27.00 -10.33
N ILE D 80 -18.15 28.32 -10.42
CA ILE D 80 -19.17 29.23 -10.95
C ILE D 80 -19.47 28.90 -12.41
N ALA D 81 -18.42 28.61 -13.18
CA ALA D 81 -18.57 28.41 -14.62
C ALA D 81 -19.43 27.19 -14.93
N ARG D 82 -19.26 26.11 -14.16
CA ARG D 82 -20.04 24.90 -14.39
C ARG D 82 -21.54 25.16 -14.27
N LYS D 83 -21.92 26.12 -13.44
CA LYS D 83 -23.33 26.45 -13.26
C LYS D 83 -23.93 27.17 -14.45
N HIS D 84 -23.10 27.60 -15.40
CA HIS D 84 -23.54 28.50 -16.45
C HIS D 84 -22.98 28.09 -17.81
N ASN D 85 -22.52 26.84 -17.94
CA ASN D 85 -21.94 26.33 -19.18
C ASN D 85 -20.88 27.28 -19.73
N LEU D 86 -19.89 27.60 -18.88
CA LEU D 86 -18.82 28.53 -19.21
C LEU D 86 -17.46 27.84 -19.22
N CYS D 87 -17.45 26.52 -19.46
CA CYS D 87 -16.25 25.69 -19.26
C CYS D 87 -15.65 25.13 -20.53
N GLY D 88 -16.26 25.39 -21.69
CA GLY D 88 -15.80 24.74 -22.89
C GLY D 88 -16.52 23.42 -23.06
N GLU D 89 -17.00 23.16 -24.27
CA GLU D 89 -17.74 21.94 -24.56
C GLU D 89 -16.95 20.96 -25.42
N THR D 90 -16.29 21.45 -26.47
CA THR D 90 -15.51 20.56 -27.31
C THR D 90 -14.17 20.26 -26.66
N GLU D 91 -13.56 19.15 -27.08
CA GLU D 91 -12.25 18.81 -26.54
C GLU D 91 -11.25 19.90 -26.83
N GLU D 92 -11.35 20.52 -28.01
CA GLU D 92 -10.50 21.64 -28.34
C GLU D 92 -10.68 22.79 -27.37
N GLU D 93 -11.94 23.15 -27.07
CA GLU D 93 -12.18 24.24 -26.12
C GLU D 93 -11.63 23.88 -24.74
N LYS D 94 -11.79 22.62 -24.32
CA LYS D 94 -11.35 22.24 -22.99
C LYS D 94 -9.84 22.32 -22.87
N ILE D 95 -9.11 21.94 -23.91
CA ILE D 95 -7.66 22.07 -23.88
C ILE D 95 -7.26 23.53 -23.78
N ARG D 96 -7.89 24.39 -24.58
CA ARG D 96 -7.54 25.81 -24.55
C ARG D 96 -7.83 26.41 -23.18
N VAL D 97 -8.92 25.98 -22.56
CA VAL D 97 -9.26 26.47 -21.23
C VAL D 97 -8.22 26.01 -20.22
N ASP D 98 -7.84 24.74 -20.28
CA ASP D 98 -6.88 24.23 -19.30
C ASP D 98 -5.52 24.91 -19.45
N ILE D 99 -5.05 25.09 -20.68
CA ILE D 99 -3.78 25.77 -20.89
C ILE D 99 -3.83 27.18 -20.33
N LEU D 100 -4.89 27.94 -20.66
CA LEU D 100 -4.93 29.36 -20.27
C LEU D 100 -5.13 29.53 -18.78
N GLU D 101 -5.95 28.66 -18.17
CA GLU D 101 -6.13 28.70 -16.72
C GLU D 101 -4.79 28.70 -16.00
N ASN D 102 -3.87 27.85 -16.46
CA ASN D 102 -2.56 27.73 -15.82
C ASN D 102 -1.60 28.81 -16.32
N GLN D 103 -1.69 29.18 -17.60
CA GLN D 103 -0.80 30.19 -18.15
C GLN D 103 -1.07 31.57 -17.57
N THR D 104 -2.35 31.93 -17.42
CA THR D 104 -2.69 33.24 -16.86
C THR D 104 -2.21 33.34 -15.42
N MET D 105 -2.29 32.24 -14.66
CA MET D 105 -1.77 32.29 -13.30
C MET D 105 -0.27 32.46 -13.29
N ASP D 106 0.45 31.76 -14.18
CA ASP D 106 1.89 31.97 -14.28
C ASP D 106 2.23 33.43 -14.51
N ASN D 107 1.57 34.05 -15.49
CA ASN D 107 1.88 35.43 -15.84
C ASN D 107 1.44 36.41 -14.76
N HIS D 108 0.34 36.11 -14.05
CA HIS D 108 -0.06 36.93 -12.92
C HIS D 108 0.95 36.82 -11.78
N MET D 109 1.36 35.59 -11.46
CA MET D 109 2.32 35.36 -10.40
C MET D 109 3.67 36.00 -10.72
N GLN D 110 4.06 36.00 -12.00
CA GLN D 110 5.30 36.65 -12.38
C GLN D 110 5.23 38.16 -12.13
N LEU D 111 4.08 38.77 -12.44
CA LEU D 111 3.91 40.18 -12.13
C LEU D 111 3.86 40.39 -10.62
N GLY D 112 3.15 39.52 -9.90
CA GLY D 112 3.13 39.63 -8.44
C GLY D 112 4.51 39.57 -7.83
N MET D 113 5.38 38.71 -8.37
CA MET D 113 6.71 38.57 -7.80
C MET D 113 7.54 39.83 -8.00
N ILE D 114 7.37 40.50 -9.14
CA ILE D 114 8.11 41.73 -9.40
C ILE D 114 7.59 42.89 -8.56
N CYS D 115 6.31 42.87 -8.22
CA CYS D 115 5.68 43.99 -7.54
C CYS D 115 5.70 43.88 -6.02
N TYR D 116 6.02 42.71 -5.47
CA TYR D 116 6.15 42.55 -4.03
C TYR D 116 7.60 42.57 -3.55
N ASN D 117 8.56 42.63 -4.47
CA ASN D 117 9.92 42.65 -3.96
C ASN D 117 10.45 44.08 -3.88
N PRO D 118 11.33 44.41 -2.94
CA PRO D 118 11.78 45.80 -2.81
C PRO D 118 12.60 46.34 -3.98
N GLU D 119 13.25 45.48 -4.76
CA GLU D 119 14.10 45.93 -5.88
C GLU D 119 13.25 46.12 -7.13
N PHE D 120 11.99 46.53 -6.94
CA PHE D 120 11.04 46.57 -8.05
C PHE D 120 11.58 47.41 -9.20
N GLU D 121 12.09 48.60 -8.91
CA GLU D 121 12.61 49.45 -9.98
C GLU D 121 13.87 48.85 -10.58
N LYS D 122 14.61 48.06 -9.81
CA LYS D 122 15.77 47.38 -10.36
C LYS D 122 15.36 46.22 -11.27
N LEU D 123 14.22 45.59 -10.97
CA LEU D 123 13.76 44.42 -11.70
C LEU D 123 12.77 44.75 -12.80
N LYS D 124 12.22 45.97 -12.81
CA LYS D 124 11.19 46.36 -13.76
C LYS D 124 11.70 46.42 -15.20
N PRO D 125 12.93 46.93 -15.45
CA PRO D 125 13.43 46.91 -16.84
C PRO D 125 13.35 45.54 -17.51
N LYS D 126 13.96 44.51 -16.92
CA LYS D 126 13.91 43.18 -17.55
C LYS D 126 12.49 42.71 -17.76
N TYR D 127 11.56 43.09 -16.86
CA TYR D 127 10.18 42.66 -17.02
C TYR D 127 9.54 43.30 -18.25
N LEU D 128 9.66 44.61 -18.39
CA LEU D 128 9.07 45.27 -19.56
C LEU D 128 9.77 44.85 -20.84
N GLU D 129 11.06 44.53 -20.75
CA GLU D 129 11.78 44.01 -21.91
C GLU D 129 11.14 42.71 -22.40
N GLU D 130 10.79 41.82 -21.48
CA GLU D 130 10.23 40.53 -21.84
C GLU D 130 8.71 40.55 -21.97
N LEU D 131 8.08 41.72 -21.72
CA LEU D 131 6.62 41.77 -21.73
C LEU D 131 6.01 41.69 -23.13
N PRO D 132 6.49 42.44 -24.14
CA PRO D 132 5.83 42.33 -25.45
C PRO D 132 5.74 40.91 -25.99
N GLU D 133 6.76 40.08 -25.76
CA GLU D 133 6.70 38.70 -26.21
C GLU D 133 5.59 37.94 -25.49
N LYS D 134 5.40 38.22 -24.20
CA LYS D 134 4.30 37.58 -23.47
C LYS D 134 2.96 37.94 -24.08
N LEU D 135 2.74 39.22 -24.35
CA LEU D 135 1.46 39.66 -24.91
C LEU D 135 1.29 39.17 -26.33
N LYS D 136 2.37 39.12 -27.10
CA LYS D 136 2.29 38.57 -28.45
C LYS D 136 1.77 37.15 -28.42
N LEU D 137 2.22 36.35 -27.45
CA LEU D 137 1.71 34.98 -27.39
C LEU D 137 0.21 34.96 -27.12
N TYR D 138 -0.28 35.87 -26.26
CA TYR D 138 -1.71 35.97 -26.07
C TYR D 138 -2.42 36.40 -27.34
N SER D 139 -1.87 37.37 -28.05
CA SER D 139 -2.50 37.88 -29.26
C SER D 139 -2.55 36.79 -30.33
N GLU D 140 -1.46 36.04 -30.48
CA GLU D 140 -1.44 34.99 -31.49
C GLU D 140 -2.32 33.81 -31.09
N PHE D 141 -2.40 33.51 -29.78
CA PHE D 141 -3.32 32.47 -29.33
C PHE D 141 -4.76 32.82 -29.65
N LEU D 142 -5.13 34.08 -29.44
CA LEU D 142 -6.49 34.52 -29.78
C LEU D 142 -6.71 34.50 -31.28
N GLY D 143 -5.75 35.07 -32.03
CA GLY D 143 -5.93 35.16 -33.47
C GLY D 143 -7.22 35.88 -33.80
N LYS D 144 -8.02 35.28 -34.69
CA LYS D 144 -9.27 35.90 -35.14
C LYS D 144 -10.50 35.43 -34.38
N ARG D 145 -10.33 34.59 -33.36
CA ARG D 145 -11.46 34.17 -32.54
C ARG D 145 -12.00 35.35 -31.74
N PRO D 146 -13.31 35.37 -31.49
CA PRO D 146 -13.86 36.40 -30.61
C PRO D 146 -13.49 36.18 -29.16
N TRP D 147 -13.26 34.93 -28.77
CA TRP D 147 -13.00 34.61 -27.37
C TRP D 147 -11.87 33.59 -27.33
N PHE D 148 -11.29 33.40 -26.14
CA PHE D 148 -10.01 32.70 -26.14
C PHE D 148 -10.16 31.19 -26.33
N ALA D 149 -11.31 30.60 -25.98
CA ALA D 149 -11.54 29.18 -26.21
C ALA D 149 -12.06 28.89 -27.62
N GLY D 150 -12.53 29.91 -28.33
CA GLY D 150 -13.21 29.71 -29.60
C GLY D 150 -14.33 30.70 -29.80
N ASN D 151 -15.48 30.22 -30.27
CA ASN D 151 -16.59 31.10 -30.62
C ASN D 151 -17.43 31.53 -29.41
N LYS D 152 -17.24 30.91 -28.26
CA LYS D 152 -18.06 31.13 -27.09
C LYS D 152 -17.20 31.65 -25.95
N ILE D 153 -17.73 32.60 -25.18
CA ILE D 153 -17.01 33.08 -23.99
C ILE D 153 -16.98 31.98 -22.93
N THR D 154 -15.87 31.92 -22.19
CA THR D 154 -15.68 30.97 -21.11
C THR D 154 -15.02 31.71 -19.97
N PHE D 155 -14.87 31.02 -18.84
CA PHE D 155 -14.30 31.69 -17.68
C PHE D 155 -12.87 32.15 -17.93
N VAL D 156 -12.13 31.51 -18.86
CA VAL D 156 -10.75 31.94 -19.03
C VAL D 156 -10.66 33.29 -19.74
N ASP D 157 -11.72 33.72 -20.41
CA ASP D 157 -11.72 35.10 -20.91
C ASP D 157 -11.62 36.10 -19.76
N PHE D 158 -12.17 35.74 -18.60
CA PHE D 158 -12.13 36.64 -17.45
C PHE D 158 -10.73 36.69 -16.86
N LEU D 159 -10.03 35.56 -16.88
CA LEU D 159 -8.65 35.51 -16.45
C LEU D 159 -7.72 36.27 -17.40
N VAL D 160 -7.91 36.09 -18.70
CA VAL D 160 -7.05 36.79 -19.65
C VAL D 160 -7.30 38.29 -19.60
N TYR D 161 -8.57 38.69 -19.52
CA TYR D 161 -8.89 40.11 -19.35
C TYR D 161 -8.14 40.71 -18.16
N ASP D 162 -8.17 40.03 -17.01
CA ASP D 162 -7.51 40.58 -15.84
C ASP D 162 -6.01 40.73 -16.08
N VAL D 163 -5.39 39.70 -16.66
CA VAL D 163 -3.95 39.75 -16.91
C VAL D 163 -3.62 40.89 -17.87
N LEU D 164 -4.42 41.08 -18.91
CA LEU D 164 -4.17 42.13 -19.88
C LEU D 164 -4.40 43.51 -19.27
N ASP D 165 -5.48 43.66 -18.51
CA ASP D 165 -5.79 44.96 -17.92
C ASP D 165 -4.78 45.33 -16.87
N LEU D 166 -4.32 44.37 -16.07
CA LEU D 166 -3.24 44.65 -15.12
C LEU D 166 -2.04 45.27 -15.82
N HIS D 167 -1.72 44.79 -17.02
CA HIS D 167 -0.52 45.28 -17.69
C HIS D 167 -0.73 46.60 -18.39
N ARG D 168 -1.94 46.92 -18.83
CA ARG D 168 -2.14 48.25 -19.37
C ARG D 168 -2.17 49.31 -18.28
N ILE D 169 -2.44 48.92 -17.03
CA ILE D 169 -2.19 49.82 -15.91
C ILE D 169 -0.69 49.90 -15.63
N PHE D 170 -0.03 48.74 -15.65
CA PHE D 170 1.41 48.69 -15.42
C PHE D 170 2.18 49.46 -16.48
N GLU D 171 1.84 49.25 -17.75
CA GLU D 171 2.44 49.99 -18.86
C GLU D 171 1.37 50.36 -19.89
N PRO D 172 1.00 51.63 -19.98
CA PRO D 172 -0.20 51.99 -20.78
C PRO D 172 -0.11 51.67 -22.26
N LYS D 173 1.09 51.61 -22.85
CA LYS D 173 1.21 51.39 -24.28
C LYS D 173 1.36 49.92 -24.66
N CYS D 174 1.42 49.02 -23.68
CA CYS D 174 1.87 47.65 -23.97
C CYS D 174 0.96 46.90 -24.92
N LEU D 175 -0.30 47.33 -25.10
CA LEU D 175 -1.21 46.65 -26.00
C LEU D 175 -1.30 47.29 -27.37
N ASP D 176 -0.63 48.42 -27.59
CA ASP D 176 -0.78 49.14 -28.85
C ASP D 176 -0.30 48.34 -30.04
N ALA D 177 0.69 47.47 -29.86
CA ALA D 177 1.16 46.60 -30.93
C ALA D 177 0.24 45.41 -31.17
N PHE D 178 -0.84 45.26 -30.41
CA PHE D 178 -1.72 44.09 -30.48
C PHE D 178 -3.18 44.53 -30.57
N PRO D 179 -3.62 44.95 -31.76
CA PRO D 179 -5.01 45.38 -31.91
C PRO D 179 -6.05 44.33 -31.56
N ASN D 180 -5.79 43.04 -31.80
CA ASN D 180 -6.84 42.08 -31.45
C ASN D 180 -7.02 41.97 -29.93
N LEU D 181 -5.98 42.29 -29.15
CA LEU D 181 -6.13 42.30 -27.69
C LEU D 181 -6.89 43.52 -27.22
N LYS D 182 -6.63 44.67 -27.85
CA LYS D 182 -7.41 45.86 -27.54
C LYS D 182 -8.89 45.64 -27.86
N ASP D 183 -9.17 44.99 -29.00
CA ASP D 183 -10.56 44.73 -29.37
C ASP D 183 -11.20 43.72 -28.42
N PHE D 184 -10.42 42.73 -27.97
CA PHE D 184 -10.93 41.78 -27.00
C PHE D 184 -11.35 42.50 -25.72
N ILE D 185 -10.51 43.39 -25.21
CA ILE D 185 -10.86 44.16 -24.03
C ILE D 185 -12.13 44.98 -24.28
N SER D 186 -12.22 45.59 -25.46
CA SER D 186 -13.40 46.41 -25.77
C SER D 186 -14.66 45.56 -25.75
N ARG D 187 -14.60 44.37 -26.36
CA ARG D 187 -15.78 43.52 -26.42
C ARG D 187 -16.14 42.95 -25.05
N PHE D 188 -15.14 42.57 -24.26
CA PHE D 188 -15.41 42.05 -22.91
C PHE D 188 -16.08 43.13 -22.05
N GLU D 189 -15.51 44.31 -22.03
CA GLU D 189 -16.07 45.38 -21.21
C GLU D 189 -17.43 45.85 -21.72
N GLY D 190 -17.73 45.61 -23.01
CA GLY D 190 -19.02 45.96 -23.58
C GLY D 190 -20.13 44.97 -23.32
N LEU D 191 -19.83 43.78 -22.78
CA LEU D 191 -20.88 42.85 -22.44
C LEU D 191 -21.81 43.49 -21.41
N GLU D 192 -23.12 43.36 -21.65
CA GLU D 192 -24.12 44.12 -20.89
C GLU D 192 -23.93 44.01 -19.38
N LYS D 193 -23.81 42.79 -18.85
CA LYS D 193 -23.72 42.68 -17.40
C LYS D 193 -22.37 43.16 -16.86
N ILE D 194 -21.30 43.02 -17.65
CA ILE D 194 -19.99 43.52 -17.24
C ILE D 194 -19.99 45.05 -17.22
N SER D 195 -20.45 45.67 -18.31
CA SER D 195 -20.47 47.13 -18.37
C SER D 195 -21.28 47.71 -17.22
N ALA D 196 -22.43 47.11 -16.89
CA ALA D 196 -23.25 47.59 -15.79
C ALA D 196 -22.51 47.50 -14.45
N TYR D 197 -21.73 46.43 -14.27
CA TYR D 197 -21.00 46.27 -13.02
C TYR D 197 -19.88 47.29 -12.92
N MET D 198 -19.14 47.50 -14.02
CA MET D 198 -18.02 48.43 -13.99
C MET D 198 -18.48 49.87 -13.77
N LYS D 199 -19.73 50.18 -14.07
CA LYS D 199 -20.26 51.52 -13.82
C LYS D 199 -20.95 51.65 -12.47
N SER D 200 -20.88 50.61 -11.63
CA SER D 200 -21.59 50.54 -10.37
C SER D 200 -20.63 50.83 -9.21
N SER D 201 -21.19 50.89 -7.99
CA SER D 201 -20.40 51.23 -6.82
C SER D 201 -19.57 50.07 -6.31
N ARG D 202 -19.94 48.83 -6.67
CA ARG D 202 -19.20 47.65 -6.24
C ARG D 202 -17.87 47.50 -6.97
N PHE D 203 -17.67 48.20 -8.08
CA PHE D 203 -16.50 47.95 -8.92
C PHE D 203 -15.24 48.38 -8.20
N LEU D 204 -14.29 47.46 -8.04
CA LEU D 204 -13.09 47.67 -7.24
C LEU D 204 -11.84 47.41 -8.09
N PRO D 205 -11.50 48.31 -9.02
CA PRO D 205 -10.35 48.08 -9.90
C PRO D 205 -9.01 48.33 -9.25
N ARG D 206 -8.97 49.03 -8.12
CA ARG D 206 -7.73 49.40 -7.46
C ARG D 206 -8.00 49.42 -5.96
N PRO D 207 -6.96 49.17 -5.13
CA PRO D 207 -5.57 48.90 -5.51
C PRO D 207 -5.39 47.53 -6.15
N VAL D 208 -4.35 47.41 -6.99
CA VAL D 208 -4.12 46.15 -7.69
C VAL D 208 -3.68 45.06 -6.71
N PHE D 209 -2.80 45.41 -5.78
CA PHE D 209 -2.19 44.45 -4.86
C PHE D 209 -2.45 44.88 -3.43
N SER D 210 -1.83 44.15 -2.49
CA SER D 210 -1.97 44.45 -1.08
C SER D 210 -1.13 45.66 -0.67
N LYS D 211 -1.31 46.09 0.59
CA LYS D 211 -0.54 47.20 1.13
C LYS D 211 0.94 46.90 1.16
N MET D 212 1.30 45.62 1.24
CA MET D 212 2.68 45.15 1.29
C MET D 212 3.41 45.28 -0.04
N ALA D 213 2.74 45.67 -1.11
CA ALA D 213 3.34 45.70 -2.43
C ALA D 213 4.12 46.99 -2.65
N VAL D 214 5.24 46.88 -3.36
CA VAL D 214 6.01 48.06 -3.76
C VAL D 214 5.29 48.81 -4.87
N TRP D 215 4.74 48.07 -5.83
CA TRP D 215 3.91 48.64 -6.88
C TRP D 215 2.50 48.06 -6.76
N GLY D 216 1.50 48.92 -6.93
CA GLY D 216 0.12 48.49 -6.85
C GLY D 216 -0.45 48.43 -5.46
N ASN D 217 0.22 49.03 -4.46
CA ASN D 217 -0.30 49.01 -3.11
C ASN D 217 -1.38 50.06 -2.89
N LYS D 218 -1.50 51.04 -3.78
CA LYS D 218 -2.49 52.10 -3.64
C LYS D 218 -3.23 52.31 -4.96
#